data_3EIH
#
_entry.id   3EIH
#
_cell.length_a   76.956
_cell.length_b   119.804
_cell.length_c   156.831
_cell.angle_alpha   90.00
_cell.angle_beta   90.00
_cell.angle_gamma   90.00
#
_symmetry.space_group_name_H-M   'P 21 21 21'
#
loop_
_entity.id
_entity.type
_entity.pdbx_description
1 polymer 'Vacuolar protein sorting-associated protein 4'
2 non-polymer 'PHOSPHOTHIOPHOSPHORIC ACID-ADENYLATE ESTER'
3 non-polymer 'MAGNESIUM ION'
4 non-polymer 1,2-ETHANEDIOL
#
_entity_poly.entity_id   1
_entity_poly.type   'polypeptide(L)'
_entity_poly.pdbx_seq_one_letter_code
;GIDPFTGEDNGGEDNKKLRGALSSAILSEKPNVKWEDVAGLEGAKEALKEAVILPVKFPHLFKGNRKPTSGILLYGPPGT
GKSYLAKAVATEANSTFFSVSSSDLVSKWMGESEKLVKQLFAMARENKPSIIFIDQVDALTGTRGEGESEASRRIKTELL
VQMNGVGNDSQGVLVLGATNIPWQLDSAIRRRFERRIYIPLPDLAARTTMFEINVGDTPCVLTKEDYRTLGAMTEGYSGS
DIAVVVKDALMQPIRKIQSATHFKDVSTEDDETRKLTPCSPGDDGAIEMSWTDIEADELKEPDLTIKDFLKAIKSTRPTV
NEDDLLKQEQFTRDFGQEGN
;
_entity_poly.pdbx_strand_id   A,B,C
#
loop_
_chem_comp.id
_chem_comp.type
_chem_comp.name
_chem_comp.formula
AGS non-polymer 'PHOSPHOTHIOPHOSPHORIC ACID-ADENYLATE ESTER' 'C10 H16 N5 O12 P3 S'
EDO non-polymer 1,2-ETHANEDIOL 'C2 H6 O2'
MG non-polymer 'MAGNESIUM ION' 'Mg 2'
#
# COMPACT_ATOMS: atom_id res chain seq x y z
N LEU A 22 18.86 19.42 3.77
CA LEU A 22 18.69 17.97 3.43
C LEU A 22 20.03 17.35 2.93
N SER A 23 20.85 16.86 3.88
CA SER A 23 22.21 16.29 3.60
C SER A 23 22.78 15.33 4.68
N SER A 24 24.11 15.37 4.86
CA SER A 24 24.92 14.64 5.87
C SER A 24 24.81 13.13 5.95
N ALA A 25 23.95 12.62 6.82
CA ALA A 25 23.74 11.18 6.94
C ALA A 25 23.16 10.51 5.68
N ILE A 26 22.63 11.31 4.75
CA ILE A 26 22.05 10.76 3.53
C ILE A 26 22.82 11.29 2.36
N LEU A 27 23.22 10.41 1.45
CA LEU A 27 23.96 10.86 0.28
C LEU A 27 23.03 10.93 -0.91
N SER A 28 23.24 11.95 -1.74
CA SER A 28 22.58 12.12 -3.05
C SER A 28 23.59 12.09 -4.19
N GLU A 29 23.10 11.94 -5.42
CA GLU A 29 23.91 12.14 -6.61
C GLU A 29 23.19 11.61 -7.84
N LYS A 30 23.53 12.21 -8.97
CA LYS A 30 23.23 11.67 -10.27
C LYS A 30 24.48 10.83 -10.51
N PRO A 31 24.42 9.51 -10.21
CA PRO A 31 25.65 8.75 -10.35
C PRO A 31 25.93 8.48 -11.82
N ASN A 32 27.15 8.06 -12.11
CA ASN A 32 27.59 7.95 -13.48
C ASN A 32 28.29 6.63 -13.75
N VAL A 33 27.78 5.53 -13.20
CA VAL A 33 28.41 4.24 -13.37
C VAL A 33 27.65 3.37 -14.36
N LYS A 34 28.29 3.01 -15.46
CA LYS A 34 27.61 2.22 -16.47
C LYS A 34 27.88 0.76 -16.19
N TRP A 35 27.05 -0.11 -16.77
CA TRP A 35 27.21 -1.56 -16.63
C TRP A 35 28.64 -2.03 -16.94
N GLU A 36 29.27 -1.41 -17.95
CA GLU A 36 30.65 -1.73 -18.30
C GLU A 36 31.60 -1.40 -17.17
N ASP A 37 31.26 -0.45 -16.31
CA ASP A 37 32.19 -0.11 -15.24
C ASP A 37 32.20 -1.16 -14.16
N VAL A 38 31.16 -1.99 -14.15
CA VAL A 38 31.07 -3.07 -13.19
C VAL A 38 31.58 -4.37 -13.79
N ALA A 39 32.58 -4.98 -13.11
CA ALA A 39 33.30 -6.18 -13.58
C ALA A 39 32.56 -7.49 -13.39
N GLY A 40 32.32 -8.15 -14.52
CA GLY A 40 31.55 -9.37 -14.56
C GLY A 40 30.14 -9.07 -14.14
N LEU A 41 29.64 -9.87 -13.20
CA LEU A 41 28.26 -9.82 -12.72
C LEU A 41 27.19 -9.85 -13.84
N GLU A 42 27.58 -10.37 -14.98
CA GLU A 42 26.71 -10.46 -16.16
C GLU A 42 25.30 -10.94 -15.81
N GLY A 43 25.20 -12.00 -15.02
CA GLY A 43 23.90 -12.52 -14.62
C GLY A 43 23.09 -11.53 -13.81
N ALA A 44 23.76 -10.88 -12.83
CA ALA A 44 23.13 -9.91 -11.94
C ALA A 44 22.75 -8.68 -12.71
N LYS A 45 23.68 -8.14 -13.49
CA LYS A 45 23.41 -7.01 -14.36
C LYS A 45 22.14 -7.29 -15.13
N GLU A 46 22.08 -8.44 -15.79
CA GLU A 46 20.89 -8.82 -16.54
C GLU A 46 19.64 -8.74 -15.65
N ALA A 47 19.67 -9.49 -14.56
CA ALA A 47 18.58 -9.50 -13.59
C ALA A 47 17.99 -8.11 -13.42
N LEU A 48 18.87 -7.15 -13.24
CA LEU A 48 18.48 -5.82 -12.88
C LEU A 48 17.85 -5.08 -14.05
N LYS A 49 18.33 -5.34 -15.25
CA LYS A 49 17.72 -4.73 -16.39
C LYS A 49 16.26 -5.11 -16.50
N GLU A 50 15.95 -6.39 -16.40
CA GLU A 50 14.56 -6.82 -16.36
C GLU A 50 13.78 -6.24 -15.19
N ALA A 51 14.38 -6.22 -14.01
CA ALA A 51 13.64 -5.80 -12.83
C ALA A 51 13.50 -4.29 -12.74
N VAL A 52 14.47 -3.56 -13.27
CA VAL A 52 14.48 -2.12 -13.08
C VAL A 52 14.37 -1.35 -14.39
N ILE A 53 15.22 -1.66 -15.36
CA ILE A 53 15.27 -0.79 -16.51
C ILE A 53 14.02 -0.99 -17.38
N LEU A 54 13.61 -2.25 -17.49
CA LEU A 54 12.46 -2.65 -18.31
C LEU A 54 11.18 -1.91 -17.95
N PRO A 55 10.79 -1.92 -16.67
CA PRO A 55 9.66 -1.11 -16.28
C PRO A 55 9.90 0.37 -16.53
N VAL A 56 11.09 0.87 -16.22
CA VAL A 56 11.34 2.31 -16.37
C VAL A 56 11.10 2.74 -17.82
N LYS A 57 11.72 2.01 -18.75
CA LYS A 57 11.71 2.37 -20.17
C LYS A 57 10.37 2.11 -20.84
N PHE A 58 9.82 0.98 -20.70
CA PHE A 58 8.49 0.67 -21.22
C PHE A 58 7.54 0.52 -20.09
N PRO A 59 7.17 1.65 -19.45
CA PRO A 59 6.11 1.45 -18.48
C PRO A 59 4.72 0.94 -18.20
N HIS A 60 4.05 0.52 -19.25
CA HIS A 60 2.63 0.21 -19.11
C HIS A 60 2.95 -1.01 -20.01
N LEU A 61 4.05 -1.71 -19.70
CA LEU A 61 4.08 -3.15 -19.92
C LEU A 61 3.45 -3.72 -18.65
N PHE A 62 3.19 -2.97 -17.64
CA PHE A 62 2.85 -3.42 -16.31
C PHE A 62 1.46 -3.03 -15.89
N LYS A 63 0.56 -3.01 -16.86
CA LYS A 63 -0.88 -2.91 -16.61
C LYS A 63 -1.40 -4.17 -15.87
N GLY A 64 -2.51 -4.03 -15.14
CA GLY A 64 -3.16 -5.16 -14.45
C GLY A 64 -2.37 -5.76 -13.31
N ASN A 65 -2.59 -7.05 -13.05
CA ASN A 65 -1.93 -7.79 -11.97
C ASN A 65 -0.41 -8.05 -12.08
N ARG A 66 0.18 -7.65 -13.19
CA ARG A 66 1.61 -7.72 -13.35
C ARG A 66 2.14 -6.31 -13.03
N LYS A 67 2.57 -6.11 -11.79
CA LYS A 67 3.13 -4.80 -11.42
C LYS A 67 4.66 -4.91 -11.21
N PRO A 68 5.41 -3.78 -11.35
CA PRO A 68 6.87 -3.88 -11.23
C PRO A 68 7.32 -4.07 -9.81
N THR A 69 8.60 -4.39 -9.62
CA THR A 69 9.13 -4.68 -8.30
C THR A 69 9.55 -3.41 -7.61
N SER A 70 9.07 -3.26 -6.38
CA SER A 70 9.38 -2.08 -5.59
C SER A 70 10.62 -2.34 -4.74
N GLY A 71 10.87 -3.60 -4.41
CA GLY A 71 11.99 -3.94 -3.54
C GLY A 71 12.90 -4.98 -4.15
N ILE A 72 14.19 -4.66 -4.17
CA ILE A 72 15.21 -5.57 -4.66
C ILE A 72 16.35 -5.63 -3.62
N LEU A 73 16.63 -6.81 -3.10
CA LEU A 73 17.78 -6.98 -2.23
C LEU A 73 18.98 -7.50 -3.02
N LEU A 74 20.17 -7.04 -2.67
CA LEU A 74 21.39 -7.54 -3.26
C LEU A 74 22.16 -8.11 -2.11
N TYR A 75 22.30 -9.42 -2.06
CA TYR A 75 23.15 -10.01 -1.01
C TYR A 75 24.39 -10.69 -1.61
N GLY A 76 25.41 -10.80 -0.78
CA GLY A 76 26.64 -11.49 -1.17
C GLY A 76 27.70 -11.24 -0.11
N PRO A 77 28.89 -11.82 -0.30
CA PRO A 77 29.88 -11.60 0.72
C PRO A 77 30.48 -10.19 0.63
N PRO A 78 31.19 -9.78 1.69
CA PRO A 78 31.73 -8.44 1.62
C PRO A 78 32.62 -8.25 0.41
N GLY A 79 32.30 -7.22 -0.37
CA GLY A 79 33.27 -6.61 -1.26
C GLY A 79 32.98 -6.92 -2.69
N THR A 80 31.82 -7.47 -2.95
CA THR A 80 31.57 -8.02 -4.26
C THR A 80 30.98 -7.04 -5.28
N GLY A 81 30.82 -5.77 -4.91
CA GLY A 81 30.32 -4.76 -5.85
C GLY A 81 28.91 -4.26 -5.60
N LYS A 82 28.26 -4.75 -4.54
CA LYS A 82 26.86 -4.44 -4.29
C LYS A 82 26.52 -2.94 -4.36
N SER A 83 27.35 -2.11 -3.73
CA SER A 83 27.13 -0.65 -3.73
C SER A 83 27.30 -0.12 -5.13
N TYR A 84 28.41 -0.52 -5.76
CA TYR A 84 28.80 -0.05 -7.09
C TYR A 84 27.71 -0.37 -8.11
N LEU A 85 27.23 -1.59 -8.03
CA LEU A 85 26.26 -2.10 -8.97
C LEU A 85 24.95 -1.32 -8.88
N ALA A 86 24.60 -0.88 -7.67
CA ALA A 86 23.39 -0.11 -7.47
C ALA A 86 23.50 1.23 -8.21
N LYS A 87 24.57 1.96 -7.92
CA LYS A 87 24.89 3.15 -8.68
C LYS A 87 24.73 2.90 -10.18
N ALA A 88 25.40 1.85 -10.67
CA ALA A 88 25.29 1.44 -12.06
C ALA A 88 23.87 1.29 -12.52
N VAL A 89 23.05 0.61 -11.71
CA VAL A 89 21.60 0.47 -11.96
C VAL A 89 20.95 1.82 -12.14
N ALA A 90 21.09 2.66 -11.11
CA ALA A 90 20.56 4.01 -11.08
C ALA A 90 21.05 4.88 -12.22
N THR A 91 22.31 4.72 -12.63
CA THR A 91 22.80 5.42 -13.81
C THR A 91 22.18 4.85 -15.07
N GLU A 92 22.06 3.53 -15.13
CA GLU A 92 21.50 2.86 -16.31
C GLU A 92 19.99 3.06 -16.41
N ALA A 93 19.43 3.74 -15.41
CA ALA A 93 18.01 4.03 -15.32
C ALA A 93 17.82 5.52 -15.12
N ASN A 94 18.81 6.29 -15.55
CA ASN A 94 18.80 7.76 -15.51
C ASN A 94 18.01 8.21 -14.33
N SER A 95 18.63 8.03 -13.19
CA SER A 95 17.92 8.20 -11.97
C SER A 95 18.77 8.99 -11.00
N THR A 96 18.18 9.35 -9.89
CA THR A 96 18.96 9.92 -8.81
C THR A 96 19.02 8.94 -7.67
N PHE A 97 20.18 8.92 -7.02
CA PHE A 97 20.56 7.90 -6.09
C PHE A 97 20.59 8.48 -4.68
N PHE A 98 19.71 8.00 -3.80
CA PHE A 98 19.73 8.46 -2.41
C PHE A 98 20.10 7.29 -1.47
N SER A 99 21.15 7.44 -0.65
CA SER A 99 21.62 6.27 0.09
C SER A 99 22.05 6.47 1.56
N VAL A 100 21.65 5.52 2.40
CA VAL A 100 21.88 5.58 3.84
C VAL A 100 22.74 4.38 4.24
N SER A 101 23.54 4.53 5.31
CA SER A 101 24.33 3.42 5.82
C SER A 101 23.79 2.84 7.11
N SER A 102 22.90 1.85 7.03
CA SER A 102 22.28 1.26 8.22
C SER A 102 23.17 1.21 9.48
N SER A 103 24.44 0.82 9.35
CA SER A 103 25.37 0.82 10.49
C SER A 103 25.25 2.13 11.20
N ASP A 104 25.65 3.20 10.52
CA ASP A 104 25.55 4.56 11.01
C ASP A 104 24.15 4.89 11.48
N LEU A 105 23.20 4.67 10.60
CA LEU A 105 21.83 4.96 10.89
C LEU A 105 21.38 4.35 12.24
N VAL A 106 21.91 3.19 12.58
CA VAL A 106 21.43 2.47 13.75
C VAL A 106 22.40 2.57 14.93
N SER A 107 23.49 3.30 14.76
CA SER A 107 24.53 3.35 15.78
C SER A 107 25.13 4.72 15.96
N LYS A 108 25.22 5.50 14.88
CA LYS A 108 25.87 6.81 14.93
C LYS A 108 24.90 7.98 14.73
N TRP A 109 23.74 7.70 14.12
CA TRP A 109 22.66 8.67 13.94
C TRP A 109 21.42 8.20 14.68
N MET A 110 21.64 7.32 15.67
CA MET A 110 20.55 6.70 16.42
C MET A 110 19.50 7.75 16.92
N GLY A 111 19.97 8.97 17.17
CA GLY A 111 19.15 10.11 17.60
C GLY A 111 18.03 10.53 16.65
N GLU A 112 18.35 10.67 15.37
CA GLU A 112 17.37 11.14 14.39
C GLU A 112 17.10 10.15 13.27
N SER A 113 16.83 8.91 13.64
CA SER A 113 16.84 7.83 12.67
C SER A 113 15.55 7.83 11.88
N GLU A 114 14.43 7.97 12.60
CA GLU A 114 13.14 8.10 11.94
C GLU A 114 13.12 9.40 11.14
N LYS A 115 13.55 10.50 11.76
CA LYS A 115 13.72 11.75 11.03
C LYS A 115 14.45 11.52 9.68
N LEU A 116 15.57 10.80 9.74
CA LEU A 116 16.39 10.53 8.55
C LEU A 116 15.72 9.59 7.57
N VAL A 117 15.10 8.53 8.09
CA VAL A 117 14.43 7.58 7.21
C VAL A 117 13.36 8.38 6.48
N LYS A 118 12.51 9.09 7.24
CA LYS A 118 11.47 9.90 6.64
C LYS A 118 12.04 10.81 5.55
N GLN A 119 13.06 11.59 5.89
CA GLN A 119 13.76 12.43 4.91
C GLN A 119 14.30 11.71 3.65
N LEU A 120 14.65 10.44 3.80
CA LEU A 120 15.23 9.68 2.70
C LEU A 120 14.12 9.46 1.69
N PHE A 121 13.01 8.90 2.16
CA PHE A 121 11.87 8.66 1.30
C PHE A 121 11.22 9.95 0.75
N ALA A 122 11.10 10.94 1.62
CA ALA A 122 10.71 12.29 1.26
C ALA A 122 11.47 12.71 0.03
N MET A 123 12.79 12.82 0.14
CA MET A 123 13.64 13.30 -0.96
C MET A 123 13.55 12.46 -2.22
N ALA A 124 13.32 11.17 -2.04
CA ALA A 124 13.23 10.29 -3.18
C ALA A 124 12.07 10.73 -4.06
N ARG A 125 10.90 10.87 -3.44
CA ARG A 125 9.65 11.15 -4.15
C ARG A 125 9.64 12.51 -4.85
N GLU A 126 10.41 13.44 -4.31
CA GLU A 126 10.52 14.76 -4.90
C GLU A 126 11.55 14.80 -6.00
N ASN A 127 12.25 13.71 -6.21
CA ASN A 127 13.24 13.71 -7.26
C ASN A 127 13.07 12.59 -8.27
N LYS A 128 11.92 11.91 -8.17
CA LYS A 128 11.47 10.95 -9.16
C LYS A 128 11.98 11.34 -10.57
N PRO A 129 12.41 10.35 -11.38
CA PRO A 129 12.56 8.96 -10.92
C PRO A 129 13.82 8.85 -10.06
N SER A 130 13.81 7.93 -9.09
CA SER A 130 14.96 7.81 -8.22
C SER A 130 15.04 6.46 -7.49
N ILE A 131 16.19 6.22 -6.87
CA ILE A 131 16.45 4.98 -6.17
C ILE A 131 16.96 5.24 -4.74
N ILE A 132 16.41 4.48 -3.80
CA ILE A 132 16.87 4.47 -2.43
C ILE A 132 17.77 3.26 -2.20
N PHE A 133 18.92 3.50 -1.60
CA PHE A 133 19.85 2.43 -1.30
C PHE A 133 20.05 2.30 0.21
N ILE A 134 19.39 1.32 0.81
CA ILE A 134 19.67 1.03 2.21
C ILE A 134 20.75 -0.04 2.31
N ASP A 135 21.95 0.40 2.71
CA ASP A 135 23.09 -0.48 2.83
C ASP A 135 23.09 -1.09 4.21
N GLN A 136 23.48 -2.37 4.29
CA GLN A 136 23.59 -3.08 5.56
C GLN A 136 22.22 -3.26 6.22
N VAL A 137 21.24 -3.72 5.46
CA VAL A 137 19.88 -3.90 5.97
C VAL A 137 19.84 -4.80 7.20
N ASP A 138 20.76 -5.75 7.26
CA ASP A 138 20.89 -6.63 8.42
C ASP A 138 21.12 -5.86 9.71
N ALA A 139 21.69 -4.65 9.61
CA ALA A 139 22.05 -3.88 10.78
C ALA A 139 20.81 -3.29 11.45
N LEU A 140 19.65 -3.80 11.07
CA LEU A 140 18.39 -3.42 11.70
C LEU A 140 17.76 -4.63 12.41
N THR A 141 18.58 -5.38 13.14
CA THR A 141 18.09 -6.55 13.88
C THR A 141 18.99 -6.88 15.08
N GLY A 142 19.68 -8.04 15.05
CA GLY A 142 20.57 -8.53 16.16
C GLY A 142 20.01 -8.43 17.59
N THR A 143 18.74 -8.86 17.72
CA THR A 143 17.79 -8.38 18.76
C THR A 143 18.01 -8.79 20.26
N ARG A 144 17.95 -7.78 21.12
CA ARG A 144 17.97 -7.96 22.58
C ARG A 144 16.66 -7.44 23.24
N GLY A 145 16.76 -6.47 24.16
CA GLY A 145 15.58 -5.96 24.91
C GLY A 145 15.14 -4.51 24.70
N GLU A 146 16.09 -3.56 24.77
CA GLU A 146 15.83 -2.12 24.59
C GLU A 146 16.80 -1.46 23.60
N GLY A 147 18.11 -1.62 23.84
CA GLY A 147 19.15 -1.01 23.00
C GLY A 147 18.93 -1.31 21.53
N GLU A 148 18.99 -2.60 21.19
CA GLU A 148 18.78 -3.10 19.83
C GLU A 148 17.45 -3.85 19.65
N SER A 149 16.44 -3.46 20.44
CA SER A 149 15.10 -4.07 20.35
C SER A 149 13.95 -3.17 20.84
N GLU A 150 14.20 -1.87 20.92
CA GLU A 150 13.16 -0.89 21.22
C GLU A 150 13.67 0.45 20.70
N ALA A 151 14.84 0.87 21.21
CA ALA A 151 15.56 2.03 20.68
C ALA A 151 15.81 1.87 19.17
N SER A 152 15.82 0.62 18.71
CA SER A 152 16.07 0.29 17.30
C SER A 152 14.79 -0.02 16.51
N ARG A 153 13.95 -0.90 17.06
CA ARG A 153 12.77 -1.41 16.35
C ARG A 153 11.89 -0.31 15.75
N ARG A 154 12.05 0.91 16.26
CA ARG A 154 11.39 2.08 15.71
C ARG A 154 11.83 2.29 14.27
N ILE A 155 13.14 2.26 14.07
CA ILE A 155 13.76 2.37 12.73
C ILE A 155 13.26 1.29 11.77
N LYS A 156 13.32 0.05 12.23
CA LYS A 156 12.76 -1.08 11.49
C LYS A 156 11.35 -0.75 11.00
N THR A 157 10.53 -0.27 11.92
CA THR A 157 9.14 0.06 11.61
C THR A 157 9.02 1.21 10.64
N GLU A 158 9.71 2.31 10.94
CA GLU A 158 9.62 3.52 10.12
C GLU A 158 9.98 3.22 8.67
N LEU A 159 10.99 2.37 8.49
CA LEU A 159 11.36 1.90 7.17
C LEU A 159 10.23 1.05 6.58
N LEU A 160 9.73 0.11 7.37
CA LEU A 160 8.63 -0.74 6.93
C LEU A 160 7.42 0.10 6.48
N VAL A 161 7.05 1.09 7.31
CA VAL A 161 5.97 2.01 7.00
C VAL A 161 6.24 2.76 5.70
N GLN A 162 7.42 3.35 5.57
CA GLN A 162 7.81 4.10 4.37
C GLN A 162 7.65 3.32 3.11
N MET A 163 7.74 2.00 3.25
CA MET A 163 7.74 1.08 2.13
C MET A 163 6.36 0.56 1.79
N ASN A 164 5.46 0.60 2.78
CA ASN A 164 4.05 0.44 2.50
C ASN A 164 3.67 1.53 1.49
N GLY A 165 4.33 2.69 1.58
CA GLY A 165 4.06 3.81 0.68
C GLY A 165 4.76 3.73 -0.67
N VAL A 166 5.69 2.79 -0.81
CA VAL A 166 6.46 2.64 -2.06
C VAL A 166 5.89 1.55 -3.03
N GLY A 167 5.07 0.65 -2.48
CA GLY A 167 4.18 -0.21 -3.27
C GLY A 167 2.82 0.44 -3.50
N ASN A 168 2.47 1.40 -2.62
CA ASN A 168 1.27 2.25 -2.75
C ASN A 168 1.64 3.61 -3.35
N ASP A 169 1.16 4.71 -2.75
CA ASP A 169 1.49 6.11 -3.13
C ASP A 169 1.83 6.35 -4.60
N SER A 170 3.03 5.92 -4.97
CA SER A 170 3.58 6.06 -6.31
C SER A 170 4.66 4.99 -6.53
N GLN A 171 4.89 4.61 -7.77
CA GLN A 171 6.16 4.00 -8.10
C GLN A 171 6.88 4.79 -9.19
N GLY A 172 7.85 5.58 -8.75
CA GLY A 172 8.95 6.12 -9.57
C GLY A 172 10.16 6.07 -8.63
N VAL A 173 9.90 5.40 -7.49
CA VAL A 173 10.83 5.20 -6.39
C VAL A 173 10.88 3.72 -6.01
N LEU A 174 12.07 3.15 -6.22
CA LEU A 174 12.40 1.77 -5.89
C LEU A 174 13.51 1.71 -4.83
N VAL A 175 13.28 0.87 -3.84
CA VAL A 175 14.27 0.53 -2.81
C VAL A 175 15.20 -0.64 -3.23
N LEU A 176 16.52 -0.40 -3.22
CA LEU A 176 17.53 -1.46 -3.30
C LEU A 176 18.08 -1.63 -1.94
N GLY A 177 18.19 -2.87 -1.46
CA GLY A 177 18.83 -3.15 -0.18
C GLY A 177 20.04 -4.04 -0.34
N ALA A 178 21.05 -3.87 0.53
CA ALA A 178 22.25 -4.70 0.49
C ALA A 178 22.61 -5.29 1.83
N THR A 179 23.06 -6.56 1.83
CA THR A 179 23.74 -7.22 2.98
C THR A 179 24.90 -8.14 2.63
N ASN A 180 25.82 -8.31 3.57
CA ASN A 180 26.76 -9.42 3.53
C ASN A 180 26.36 -10.57 4.44
N ILE A 181 25.17 -10.45 5.02
CA ILE A 181 24.70 -11.36 6.03
C ILE A 181 23.21 -11.54 5.78
N PRO A 182 22.82 -12.14 4.64
CA PRO A 182 21.36 -12.27 4.48
C PRO A 182 20.66 -13.04 5.64
N TRP A 183 21.43 -13.86 6.36
CA TRP A 183 20.95 -14.62 7.51
C TRP A 183 20.98 -13.83 8.85
N GLN A 184 20.83 -12.51 8.79
CA GLN A 184 20.55 -11.74 9.99
C GLN A 184 19.54 -10.66 9.67
N LEU A 185 18.91 -10.85 8.52
CA LEU A 185 17.96 -9.92 7.98
C LEU A 185 16.62 -10.17 8.66
N ASP A 186 16.12 -9.15 9.39
CA ASP A 186 14.86 -9.27 10.11
C ASP A 186 13.84 -9.90 9.19
N SER A 187 13.28 -11.02 9.65
CA SER A 187 12.27 -11.76 8.89
C SER A 187 11.29 -10.86 8.14
N ALA A 188 10.68 -9.95 8.87
CA ALA A 188 9.72 -9.00 8.35
C ALA A 188 10.29 -8.16 7.22
N ILE A 189 11.51 -7.67 7.40
CA ILE A 189 12.17 -6.78 6.43
C ILE A 189 12.47 -7.52 5.16
N ARG A 190 12.97 -8.75 5.32
CA ARG A 190 13.32 -9.60 4.19
C ARG A 190 12.16 -9.68 3.23
N ARG A 191 11.00 -10.03 3.79
CA ARG A 191 9.83 -10.29 3.00
C ARG A 191 9.44 -9.08 2.17
N ARG A 192 9.82 -7.89 2.62
CA ARG A 192 9.45 -6.67 1.89
C ARG A 192 10.22 -6.49 0.61
N PHE A 193 11.40 -7.12 0.51
CA PHE A 193 12.11 -7.15 -0.77
C PHE A 193 11.64 -8.34 -1.57
N GLU A 194 10.86 -8.08 -2.62
CA GLU A 194 10.31 -9.18 -3.43
C GLU A 194 11.43 -10.00 -4.06
N ARG A 195 12.11 -9.38 -5.02
CA ARG A 195 13.22 -9.97 -5.73
C ARG A 195 14.56 -9.88 -4.94
N ARG A 196 15.25 -11.02 -4.81
CA ARG A 196 16.57 -11.08 -4.17
C ARG A 196 17.58 -11.56 -5.18
N ILE A 197 18.79 -10.99 -5.17
CA ILE A 197 19.84 -11.27 -6.16
C ILE A 197 21.20 -11.46 -5.52
N TYR A 198 21.94 -12.46 -5.99
CA TYR A 198 23.23 -12.86 -5.43
C TYR A 198 24.46 -12.30 -6.21
N ILE A 199 25.33 -11.61 -5.47
CA ILE A 199 26.52 -10.97 -6.00
C ILE A 199 27.72 -11.69 -5.43
N PRO A 200 28.26 -12.63 -6.21
CA PRO A 200 29.31 -13.58 -5.84
C PRO A 200 30.69 -12.95 -5.87
N LEU A 201 31.71 -13.67 -5.43
CA LEU A 201 33.09 -13.24 -5.58
C LEU A 201 33.45 -13.17 -7.06
N PRO A 202 34.48 -12.39 -7.45
CA PRO A 202 34.66 -12.20 -8.88
C PRO A 202 35.26 -13.41 -9.56
N ASP A 203 34.75 -13.77 -10.75
CA ASP A 203 35.35 -14.84 -11.59
C ASP A 203 36.74 -14.39 -12.15
N LEU A 204 37.49 -15.31 -12.78
CA LEU A 204 38.82 -14.98 -13.33
C LEU A 204 38.72 -13.78 -14.28
N ALA A 205 37.82 -13.92 -15.25
CA ALA A 205 37.43 -12.85 -16.15
C ALA A 205 37.30 -11.50 -15.43
N ALA A 206 36.39 -11.44 -14.45
CA ALA A 206 36.15 -10.23 -13.67
C ALA A 206 37.44 -9.73 -13.00
N ARG A 207 38.03 -10.62 -12.22
CA ARG A 207 39.25 -10.39 -11.45
C ARG A 207 40.36 -9.77 -12.32
N THR A 208 40.41 -10.15 -13.58
CA THR A 208 41.42 -9.63 -14.48
C THR A 208 41.09 -8.22 -14.91
N THR A 209 39.88 -8.01 -15.40
CA THR A 209 39.44 -6.64 -15.74
C THR A 209 39.55 -5.67 -14.55
N MET A 210 39.21 -6.14 -13.35
CA MET A 210 39.38 -5.34 -12.14
C MET A 210 40.81 -4.86 -11.86
N PHE A 211 41.77 -5.71 -12.19
CA PHE A 211 43.17 -5.41 -12.01
C PHE A 211 43.53 -4.34 -13.00
N GLU A 212 43.06 -4.52 -14.24
CA GLU A 212 43.23 -3.54 -15.30
C GLU A 212 42.54 -2.23 -14.96
N ILE A 213 41.24 -2.27 -14.64
CA ILE A 213 40.48 -1.08 -14.28
C ILE A 213 41.24 -0.27 -13.23
N ASN A 214 41.59 -0.94 -12.12
CA ASN A 214 42.24 -0.31 -10.98
C ASN A 214 43.56 0.36 -11.27
N VAL A 215 44.30 -0.17 -12.24
CA VAL A 215 45.63 0.28 -12.63
C VAL A 215 45.50 1.37 -13.68
N GLY A 216 44.53 1.20 -14.57
CA GLY A 216 44.26 2.14 -15.67
C GLY A 216 45.52 2.75 -16.26
N ASP A 217 45.58 4.07 -16.24
CA ASP A 217 46.68 4.85 -16.84
C ASP A 217 48.11 4.61 -16.41
N THR A 218 48.30 4.19 -15.17
CA THR A 218 49.62 4.26 -14.56
C THR A 218 50.65 3.63 -15.48
N PRO A 219 51.78 4.32 -15.73
CA PRO A 219 52.85 3.66 -16.50
C PRO A 219 53.13 2.28 -15.91
N CYS A 220 53.09 1.27 -16.78
CA CYS A 220 53.10 -0.11 -16.35
C CYS A 220 53.44 -1.12 -17.43
N VAL A 221 54.63 -1.68 -17.30
CA VAL A 221 55.08 -2.91 -17.98
C VAL A 221 54.10 -4.06 -18.34
N LEU A 222 53.20 -4.46 -17.44
CA LEU A 222 52.44 -5.70 -17.69
C LEU A 222 51.66 -5.70 -19.00
N THR A 223 51.68 -6.86 -19.64
CA THR A 223 50.84 -7.17 -20.79
C THR A 223 49.57 -7.84 -20.29
N LYS A 224 48.63 -8.06 -21.21
CA LYS A 224 47.35 -8.64 -20.86
C LYS A 224 47.52 -9.99 -20.20
N GLU A 225 48.41 -10.83 -20.76
CA GLU A 225 48.62 -12.19 -20.23
C GLU A 225 48.94 -12.12 -18.76
N ASP A 226 49.78 -11.16 -18.38
CA ASP A 226 50.16 -10.95 -16.99
C ASP A 226 48.90 -10.78 -16.19
N TYR A 227 48.10 -9.79 -16.57
CA TYR A 227 46.92 -9.49 -15.79
C TYR A 227 46.13 -10.76 -15.65
N ARG A 228 46.03 -11.48 -16.77
CA ARG A 228 45.33 -12.77 -16.86
C ARG A 228 45.80 -13.67 -15.74
N THR A 229 47.11 -13.65 -15.53
CA THR A 229 47.77 -14.47 -14.54
C THR A 229 47.52 -13.93 -13.15
N LEU A 230 47.59 -12.62 -13.00
CA LEU A 230 47.39 -12.02 -11.70
C LEU A 230 45.99 -12.39 -11.27
N GLY A 231 45.05 -12.30 -12.20
CA GLY A 231 43.68 -12.73 -11.97
C GLY A 231 43.69 -14.17 -11.45
N ALA A 232 44.30 -15.05 -12.24
CA ALA A 232 44.46 -16.46 -11.91
C ALA A 232 45.04 -16.63 -10.53
N MET A 233 46.02 -15.81 -10.21
CA MET A 233 46.66 -15.93 -8.93
C MET A 233 45.83 -15.41 -7.74
N THR A 234 44.77 -14.65 -8.00
CA THR A 234 44.00 -14.10 -6.88
C THR A 234 42.59 -14.66 -6.70
N GLU A 235 42.31 -15.81 -7.27
CA GLU A 235 41.04 -16.50 -7.07
C GLU A 235 40.75 -16.48 -5.59
N GLY A 236 39.48 -16.30 -5.22
CA GLY A 236 39.11 -16.20 -3.82
C GLY A 236 39.07 -14.77 -3.31
N TYR A 237 39.95 -13.91 -3.82
CA TYR A 237 39.91 -12.48 -3.58
C TYR A 237 38.63 -11.87 -4.11
N SER A 238 38.20 -10.76 -3.47
CA SER A 238 37.03 -9.97 -3.90
C SER A 238 37.40 -8.59 -4.44
N GLY A 239 36.42 -7.92 -5.05
CA GLY A 239 36.53 -6.54 -5.50
C GLY A 239 37.34 -5.61 -4.59
N SER A 240 36.92 -5.49 -3.34
CA SER A 240 37.67 -4.66 -2.40
C SER A 240 39.05 -5.24 -2.28
N ASP A 241 39.15 -6.55 -2.15
CA ASP A 241 40.46 -7.17 -2.01
C ASP A 241 41.40 -6.70 -3.10
N ILE A 242 40.98 -6.82 -4.35
CA ILE A 242 41.89 -6.52 -5.47
C ILE A 242 42.22 -5.05 -5.50
N ALA A 243 41.25 -4.26 -5.05
CA ALA A 243 41.40 -2.82 -4.91
C ALA A 243 42.48 -2.50 -3.89
N VAL A 244 42.45 -3.19 -2.76
CA VAL A 244 43.49 -3.04 -1.76
C VAL A 244 44.84 -3.37 -2.37
N VAL A 245 44.91 -4.52 -3.02
CA VAL A 245 46.13 -4.98 -3.65
C VAL A 245 46.70 -3.90 -4.56
N VAL A 246 45.92 -3.45 -5.54
CA VAL A 246 46.38 -2.45 -6.51
C VAL A 246 46.77 -1.14 -5.84
N LYS A 247 45.95 -0.65 -4.91
CA LYS A 247 46.32 0.55 -4.15
C LYS A 247 47.71 0.36 -3.60
N ASP A 248 47.90 -0.75 -2.89
CA ASP A 248 49.20 -1.07 -2.36
C ASP A 248 50.27 -1.09 -3.45
N ALA A 249 49.99 -1.84 -4.53
CA ALA A 249 50.94 -1.94 -5.63
C ALA A 249 51.35 -0.54 -6.11
N LEU A 250 50.38 0.38 -6.16
CA LEU A 250 50.60 1.74 -6.67
C LEU A 250 51.57 2.61 -5.83
N MET A 251 51.87 2.17 -4.62
CA MET A 251 52.79 3.00 -3.89
C MET A 251 54.25 2.57 -4.12
N GLN A 252 54.46 1.45 -4.81
CA GLN A 252 55.82 1.01 -5.17
C GLN A 252 56.63 2.13 -5.83
N PRO A 253 56.16 2.61 -6.99
CA PRO A 253 56.83 3.72 -7.65
C PRO A 253 57.08 4.89 -6.71
N ILE A 254 56.06 5.35 -5.99
CA ILE A 254 56.24 6.46 -5.07
C ILE A 254 57.35 6.10 -4.11
N ARG A 255 57.26 4.94 -3.47
CA ARG A 255 58.27 4.50 -2.50
C ARG A 255 59.67 4.44 -3.11
N LYS A 256 59.80 3.83 -4.29
CA LYS A 256 61.08 3.83 -4.98
C LYS A 256 61.56 5.28 -5.18
N ILE A 257 60.81 6.09 -5.94
CA ILE A 257 61.15 7.51 -6.10
C ILE A 257 61.54 8.13 -4.76
N GLN A 258 60.96 7.64 -3.67
CA GLN A 258 61.17 8.23 -2.35
C GLN A 258 62.53 7.95 -1.76
N SER A 259 63.23 6.98 -2.31
CA SER A 259 64.36 6.42 -1.59
C SER A 259 65.61 6.06 -2.41
N ALA A 260 65.81 6.66 -3.58
CA ALA A 260 67.16 6.69 -4.16
C ALA A 260 67.60 8.05 -3.71
N THR A 261 68.86 8.31 -3.32
CA THR A 261 70.18 7.79 -3.78
C THR A 261 70.53 8.23 -5.19
N HIS A 262 70.13 7.46 -6.19
CA HIS A 262 70.57 7.75 -7.55
C HIS A 262 69.44 7.84 -8.56
N PHE A 263 69.63 8.72 -9.53
CA PHE A 263 68.68 8.87 -10.63
C PHE A 263 69.38 8.81 -12.01
N LYS A 264 68.59 8.53 -13.04
CA LYS A 264 69.09 8.38 -14.41
C LYS A 264 68.30 9.32 -15.34
N ASP A 265 68.80 9.59 -16.53
CA ASP A 265 68.12 10.47 -17.46
C ASP A 265 67.69 9.67 -18.68
N VAL A 266 66.69 8.84 -18.49
CA VAL A 266 66.26 7.92 -19.52
C VAL A 266 65.40 8.56 -20.62
N SER A 267 65.30 9.89 -20.68
CA SER A 267 64.56 10.51 -21.79
C SER A 267 65.27 10.21 -23.10
N THR A 268 64.49 9.85 -24.11
CA THR A 268 65.01 9.56 -25.45
C THR A 268 65.11 10.83 -26.26
N GLU A 269 65.64 10.71 -27.48
CA GLU A 269 65.80 11.83 -28.40
C GLU A 269 64.49 12.56 -28.73
N ASP A 270 63.42 12.21 -28.02
CA ASP A 270 62.06 12.59 -28.43
C ASP A 270 61.19 13.18 -27.33
N ASP A 271 61.66 13.11 -26.10
CA ASP A 271 60.90 13.72 -25.02
C ASP A 271 61.24 15.18 -25.05
N GLU A 272 60.24 16.01 -24.79
CA GLU A 272 60.42 17.46 -24.70
C GLU A 272 61.44 17.75 -23.63
N THR A 273 61.30 17.06 -22.51
CA THR A 273 62.12 17.34 -21.37
C THR A 273 62.78 16.07 -20.84
N ARG A 274 63.95 16.23 -20.23
CA ARG A 274 64.69 15.11 -19.70
C ARG A 274 63.95 14.45 -18.55
N LYS A 275 63.93 13.13 -18.57
CA LYS A 275 63.13 12.40 -17.65
C LYS A 275 64.05 11.59 -16.73
N LEU A 276 64.17 12.06 -15.49
CA LEU A 276 65.05 11.45 -14.49
C LEU A 276 64.33 10.43 -13.63
N THR A 277 64.56 9.14 -13.92
CA THR A 277 63.99 8.06 -13.13
C THR A 277 65.01 7.56 -12.11
N PRO A 278 64.54 6.92 -11.03
CA PRO A 278 65.47 6.28 -10.08
C PRO A 278 66.21 5.08 -10.70
N CYS A 279 67.36 4.71 -10.13
CA CYS A 279 68.15 3.60 -10.63
C CYS A 279 69.16 3.11 -9.59
N SER A 280 69.71 1.91 -9.81
CA SER A 280 70.76 1.35 -8.95
C SER A 280 72.00 2.26 -8.96
N PRO A 281 72.82 2.22 -7.90
CA PRO A 281 73.64 3.39 -7.58
C PRO A 281 74.88 3.47 -8.45
N GLY A 282 75.56 2.36 -8.63
CA GLY A 282 76.51 2.20 -9.72
C GLY A 282 75.59 1.67 -10.77
N ASP A 283 75.65 2.26 -11.96
CA ASP A 283 74.69 2.01 -13.04
C ASP A 283 74.92 3.12 -14.04
N ASP A 284 74.89 2.76 -15.32
CA ASP A 284 75.22 3.71 -16.38
C ASP A 284 74.40 4.99 -16.38
N GLY A 285 75.03 6.08 -15.92
CA GLY A 285 74.46 7.42 -15.96
C GLY A 285 73.80 7.88 -14.67
N ALA A 286 74.00 7.10 -13.63
CA ALA A 286 73.39 7.40 -12.36
C ALA A 286 74.10 8.57 -11.76
N ILE A 287 73.40 9.62 -11.42
CA ILE A 287 74.01 10.53 -10.48
C ILE A 287 73.19 10.71 -9.22
N GLU A 288 73.91 10.58 -8.12
CA GLU A 288 73.36 10.65 -6.79
C GLU A 288 72.64 11.95 -6.51
N MET A 289 71.36 11.81 -6.17
CA MET A 289 70.49 12.89 -5.74
C MET A 289 69.30 12.30 -4.98
N SER A 290 68.31 13.14 -4.71
CA SER A 290 67.08 12.72 -4.09
C SER A 290 65.97 13.36 -4.88
N TRP A 291 64.75 12.91 -4.66
CA TRP A 291 63.60 13.49 -5.34
C TRP A 291 63.52 15.00 -5.15
N THR A 292 64.09 15.49 -4.06
CA THR A 292 64.03 16.90 -3.69
C THR A 292 64.88 17.75 -4.64
N ASP A 293 65.83 17.07 -5.28
CA ASP A 293 66.68 17.64 -6.32
C ASP A 293 66.02 17.69 -7.70
N ILE A 294 65.01 16.87 -7.94
CA ILE A 294 64.41 16.79 -9.28
C ILE A 294 63.38 17.88 -9.48
N GLU A 295 63.38 18.47 -10.68
CA GLU A 295 62.42 19.53 -11.02
C GLU A 295 61.11 18.94 -11.47
N ALA A 296 60.08 19.76 -11.31
CA ALA A 296 58.70 19.42 -11.65
C ALA A 296 58.58 18.57 -12.91
N ASP A 297 58.95 19.17 -14.03
CA ASP A 297 58.81 18.56 -15.34
C ASP A 297 59.75 17.37 -15.58
N GLU A 298 60.85 17.27 -14.85
CA GLU A 298 61.80 16.21 -15.20
C GLU A 298 61.88 14.93 -14.36
N LEU A 299 60.79 14.58 -13.67
CA LEU A 299 60.69 13.30 -12.96
C LEU A 299 60.06 12.17 -13.78
N LYS A 300 60.55 10.95 -13.60
CA LYS A 300 60.01 9.81 -14.32
C LYS A 300 59.82 8.64 -13.37
N GLU A 301 58.58 8.49 -12.92
CA GLU A 301 58.16 7.42 -12.04
C GLU A 301 58.49 6.11 -12.73
N PRO A 302 59.01 5.12 -11.97
CA PRO A 302 59.30 3.83 -12.57
C PRO A 302 57.99 3.16 -12.88
N ASP A 303 57.97 2.33 -13.91
CA ASP A 303 56.74 1.62 -14.27
C ASP A 303 56.43 0.57 -13.25
N LEU A 304 55.16 0.22 -13.12
CA LEU A 304 54.80 -0.85 -12.25
C LEU A 304 55.46 -2.08 -12.84
N THR A 305 55.94 -2.95 -11.96
CA THR A 305 56.56 -4.18 -12.37
C THR A 305 55.73 -5.38 -11.88
N ILE A 306 55.86 -6.50 -12.57
CA ILE A 306 55.31 -7.75 -12.08
C ILE A 306 55.60 -7.86 -10.59
N LYS A 307 56.87 -7.81 -10.19
CA LYS A 307 57.25 -7.86 -8.77
C LYS A 307 56.43 -6.97 -7.85
N ASP A 308 56.14 -5.73 -8.30
CA ASP A 308 55.23 -4.80 -7.58
C ASP A 308 53.92 -5.46 -7.21
N PHE A 309 53.29 -6.10 -8.19
CA PHE A 309 52.00 -6.75 -7.96
C PHE A 309 52.08 -7.98 -7.05
N LEU A 310 53.01 -8.88 -7.36
CA LEU A 310 53.24 -10.04 -6.52
C LEU A 310 53.47 -9.61 -5.07
N LYS A 311 54.39 -8.65 -4.85
CA LYS A 311 54.65 -8.17 -3.48
C LYS A 311 53.33 -7.88 -2.80
N ALA A 312 52.51 -7.05 -3.45
CA ALA A 312 51.17 -6.68 -2.97
C ALA A 312 50.29 -7.88 -2.67
N ILE A 313 50.07 -8.74 -3.68
CA ILE A 313 49.24 -9.93 -3.51
C ILE A 313 49.69 -10.77 -2.32
N LYS A 314 50.98 -11.01 -2.22
CA LYS A 314 51.49 -11.94 -1.25
C LYS A 314 51.31 -11.45 0.16
N SER A 315 51.04 -10.15 0.32
CA SER A 315 50.76 -9.61 1.66
C SER A 315 49.29 -9.30 1.86
N THR A 316 48.46 -9.85 0.98
CA THR A 316 47.04 -9.81 1.16
C THR A 316 46.50 -11.21 1.24
N ARG A 317 45.42 -11.37 2.00
CA ARG A 317 44.74 -12.64 2.12
C ARG A 317 43.31 -12.40 1.71
N PRO A 318 42.75 -13.32 0.94
CA PRO A 318 41.36 -13.15 0.55
C PRO A 318 40.53 -12.88 1.79
N THR A 319 39.76 -11.80 1.75
CA THR A 319 38.94 -11.44 2.89
C THR A 319 37.82 -12.40 3.16
N VAL A 320 37.30 -13.05 2.13
CA VAL A 320 36.19 -13.96 2.31
C VAL A 320 36.69 -15.39 2.43
N ASN A 321 36.19 -16.13 3.41
CA ASN A 321 36.54 -17.55 3.56
C ASN A 321 35.34 -18.47 3.35
N GLU A 322 35.56 -19.78 3.23
CA GLU A 322 34.46 -20.64 2.80
C GLU A 322 33.28 -20.69 3.77
N ASP A 323 33.56 -20.53 5.06
CA ASP A 323 32.48 -20.45 6.06
C ASP A 323 31.39 -19.50 5.61
N ASP A 324 31.77 -18.25 5.34
CA ASP A 324 30.87 -17.25 4.74
C ASP A 324 30.09 -17.83 3.54
N LEU A 325 30.82 -18.22 2.49
CA LEU A 325 30.21 -18.71 1.27
C LEU A 325 29.06 -19.69 1.48
N LEU A 326 29.19 -20.50 2.53
CA LEU A 326 28.23 -21.56 2.78
C LEU A 326 26.88 -20.98 3.18
N LYS A 327 26.92 -20.22 4.28
CA LYS A 327 25.79 -19.46 4.74
C LYS A 327 25.15 -18.66 3.59
N GLN A 328 25.99 -18.12 2.71
CA GLN A 328 25.55 -17.37 1.53
C GLN A 328 24.74 -18.22 0.58
N GLU A 329 25.25 -19.41 0.26
CA GLU A 329 24.58 -20.35 -0.66
C GLU A 329 23.28 -20.90 -0.07
N GLN A 330 23.32 -21.17 1.23
CA GLN A 330 22.17 -21.62 1.99
C GLN A 330 21.00 -20.68 1.84
N PHE A 331 21.24 -19.42 2.16
CA PHE A 331 20.22 -18.40 2.00
C PHE A 331 19.69 -18.39 0.57
N THR A 332 20.59 -18.47 -0.41
CA THR A 332 20.18 -18.51 -1.81
C THR A 332 19.13 -19.60 -1.99
N ARG A 333 19.41 -20.77 -1.42
CA ARG A 333 18.53 -21.95 -1.52
C ARG A 333 17.18 -21.71 -0.83
N ASP A 334 17.23 -21.43 0.47
CA ASP A 334 16.05 -21.29 1.33
C ASP A 334 15.25 -20.00 1.12
N PHE A 335 15.86 -18.97 0.54
CA PHE A 335 15.13 -17.73 0.31
C PHE A 335 15.42 -17.13 -1.06
N GLY A 336 16.56 -17.53 -1.64
CA GLY A 336 16.95 -17.11 -2.99
C GLY A 336 15.83 -16.54 -3.80
N GLN A 337 14.92 -17.39 -4.27
CA GLN A 337 13.74 -16.82 -4.89
C GLN A 337 12.41 -17.23 -4.25
N GLU A 338 11.32 -16.86 -4.93
CA GLU A 338 9.92 -16.96 -4.45
C GLU A 338 9.43 -15.78 -3.58
N GLY A 339 9.56 -15.88 -2.25
CA GLY A 339 8.72 -15.07 -1.34
C GLY A 339 9.36 -13.96 -0.52
N ASN A 340 9.81 -14.28 0.69
CA ASN A 340 9.75 -15.64 1.20
C ASN A 340 9.33 -15.68 2.66
N SER B 23 3.37 -7.42 21.28
CA SER B 23 2.64 -6.23 20.71
C SER B 23 2.18 -6.47 19.26
N SER B 24 3.13 -6.66 18.34
CA SER B 24 2.80 -6.97 16.93
C SER B 24 3.47 -8.25 16.38
N ALA B 25 4.22 -8.94 17.24
CA ALA B 25 4.54 -10.37 17.06
C ALA B 25 3.22 -11.18 16.91
N ILE B 26 2.12 -10.51 17.23
CA ILE B 26 0.78 -10.97 16.95
C ILE B 26 0.23 -9.99 15.92
N LEU B 27 -0.10 -10.52 14.74
CA LEU B 27 -0.76 -9.78 13.67
C LEU B 27 -2.25 -9.68 14.02
N SER B 28 -2.97 -8.69 13.48
CA SER B 28 -4.39 -8.51 13.81
C SER B 28 -5.11 -7.39 13.05
N GLU B 29 -6.22 -7.73 12.39
CA GLU B 29 -7.03 -6.74 11.65
C GLU B 29 -8.53 -7.03 11.71
N LYS B 30 -9.37 -6.09 11.30
CA LYS B 30 -10.77 -6.42 11.02
C LYS B 30 -10.87 -6.73 9.54
N PRO B 31 -11.11 -8.01 9.17
CA PRO B 31 -11.05 -8.39 7.76
C PRO B 31 -12.29 -7.98 6.95
N ASN B 32 -12.10 -7.88 5.63
CA ASN B 32 -13.22 -7.68 4.72
C ASN B 32 -13.28 -8.81 3.69
N VAL B 33 -13.07 -10.04 4.19
CA VAL B 33 -13.04 -11.25 3.38
C VAL B 33 -14.38 -11.99 3.41
N LYS B 34 -15.32 -11.57 2.57
CA LYS B 34 -16.62 -12.22 2.50
C LYS B 34 -16.48 -13.65 2.00
N TRP B 35 -17.53 -14.46 2.17
CA TRP B 35 -17.55 -15.85 1.70
C TRP B 35 -17.28 -15.89 0.19
N GLU B 36 -18.19 -15.25 -0.56
CA GLU B 36 -18.05 -14.99 -1.98
C GLU B 36 -16.61 -15.00 -2.45
N ASP B 37 -15.75 -14.28 -1.72
CA ASP B 37 -14.36 -14.06 -2.12
C ASP B 37 -13.45 -15.27 -1.92
N VAL B 38 -13.98 -16.32 -1.31
CA VAL B 38 -13.24 -17.60 -1.19
C VAL B 38 -13.78 -18.63 -2.20
N ALA B 39 -13.03 -18.87 -3.27
CA ALA B 39 -13.35 -19.93 -4.22
C ALA B 39 -12.96 -21.25 -3.55
N GLY B 40 -13.54 -22.34 -4.02
CA GLY B 40 -13.76 -23.49 -3.15
C GLY B 40 -15.09 -23.09 -2.56
N LEU B 41 -15.48 -23.59 -1.39
CA LEU B 41 -14.84 -24.63 -0.63
C LEU B 41 -16.10 -25.12 0.11
N GLU B 42 -17.19 -25.13 -0.66
CA GLU B 42 -18.59 -25.08 -0.20
C GLU B 42 -18.92 -25.78 1.10
N GLY B 43 -18.20 -26.85 1.40
CA GLY B 43 -18.50 -27.67 2.57
C GLY B 43 -17.97 -27.12 3.89
N ALA B 44 -16.66 -26.86 3.91
CA ALA B 44 -16.07 -26.16 5.03
C ALA B 44 -16.88 -24.91 5.31
N LYS B 45 -17.24 -24.19 4.24
CA LYS B 45 -18.05 -22.97 4.31
C LYS B 45 -19.29 -23.21 5.16
N GLU B 46 -20.07 -24.23 4.82
CA GLU B 46 -21.20 -24.63 5.66
C GLU B 46 -20.74 -24.83 7.09
N ALA B 47 -20.06 -25.95 7.33
CA ALA B 47 -19.61 -26.31 8.66
C ALA B 47 -19.25 -25.08 9.49
N LEU B 48 -18.47 -24.17 8.90
CA LEU B 48 -18.06 -22.96 9.60
C LEU B 48 -19.24 -22.08 9.98
N LYS B 49 -20.07 -21.73 9.00
CA LYS B 49 -21.29 -20.98 9.29
C LYS B 49 -22.00 -21.58 10.50
N GLU B 50 -22.34 -22.87 10.38
CA GLU B 50 -23.16 -23.57 11.36
C GLU B 50 -22.38 -24.17 12.53
N ALA B 51 -21.27 -23.53 12.88
CA ALA B 51 -20.55 -23.87 14.09
C ALA B 51 -19.96 -22.62 14.71
N VAL B 52 -19.85 -21.56 13.91
CA VAL B 52 -19.33 -20.30 14.41
C VAL B 52 -20.37 -19.20 14.31
N ILE B 53 -20.89 -18.98 13.11
CA ILE B 53 -21.89 -17.92 12.97
C ILE B 53 -23.12 -18.24 13.83
N LEU B 54 -23.68 -19.45 13.69
CA LEU B 54 -24.95 -19.84 14.33
C LEU B 54 -25.02 -19.59 15.82
N PRO B 55 -24.04 -20.10 16.58
CA PRO B 55 -24.09 -19.83 18.02
C PRO B 55 -23.82 -18.36 18.37
N VAL B 56 -23.66 -17.50 17.36
CA VAL B 56 -23.63 -16.09 17.68
C VAL B 56 -24.94 -15.40 17.31
N LYS B 57 -25.67 -15.93 16.34
CA LYS B 57 -27.01 -15.40 16.07
C LYS B 57 -28.06 -15.84 17.10
N PHE B 58 -27.83 -16.95 17.80
CA PHE B 58 -28.81 -17.45 18.76
C PHE B 58 -28.15 -17.91 20.04
N PRO B 59 -27.43 -16.99 20.72
CA PRO B 59 -26.76 -17.29 21.97
C PRO B 59 -27.66 -18.00 22.98
N HIS B 60 -28.91 -17.57 23.08
CA HIS B 60 -29.92 -18.18 23.96
C HIS B 60 -30.02 -19.69 23.77
N LEU B 61 -29.69 -20.18 22.57
CA LEU B 61 -29.87 -21.58 22.20
C LEU B 61 -28.91 -22.49 22.95
N PHE B 62 -27.97 -21.88 23.68
CA PHE B 62 -26.92 -22.63 24.37
C PHE B 62 -26.97 -22.51 25.90
N LYS B 63 -28.12 -22.96 26.40
CA LYS B 63 -28.45 -23.03 27.82
C LYS B 63 -27.66 -24.15 28.51
N GLY B 64 -27.40 -23.97 29.80
CA GLY B 64 -26.90 -25.05 30.66
C GLY B 64 -25.88 -26.01 30.07
N ASN B 65 -26.35 -27.17 29.57
CA ASN B 65 -25.46 -28.27 29.16
C ASN B 65 -25.17 -28.38 27.66
N ARG B 66 -25.68 -27.43 26.89
CA ARG B 66 -25.19 -27.16 25.57
C ARG B 66 -24.34 -25.92 25.62
N LYS B 67 -23.07 -26.06 25.25
CA LYS B 67 -22.20 -24.91 25.02
C LYS B 67 -21.88 -24.86 23.53
N PRO B 68 -21.49 -23.67 23.00
CA PRO B 68 -21.02 -23.63 21.62
C PRO B 68 -19.58 -24.12 21.52
N THR B 69 -19.22 -24.63 20.35
CA THR B 69 -17.85 -25.08 20.07
C THR B 69 -16.91 -23.90 20.27
N SER B 70 -15.89 -24.10 21.10
CA SER B 70 -14.87 -23.06 21.36
C SER B 70 -13.52 -23.35 20.70
N GLY B 71 -13.37 -24.54 20.12
CA GLY B 71 -12.12 -24.96 19.47
C GLY B 71 -12.29 -25.70 18.15
N ILE B 72 -11.96 -25.03 17.04
CA ILE B 72 -12.10 -25.59 15.68
C ILE B 72 -10.74 -25.84 15.07
N LEU B 73 -10.53 -27.07 14.59
CA LEU B 73 -9.34 -27.38 13.81
C LEU B 73 -9.63 -27.24 12.32
N LEU B 74 -8.93 -26.31 11.64
CA LEU B 74 -8.85 -26.31 10.18
C LEU B 74 -7.62 -27.08 9.80
N TYR B 75 -7.78 -28.11 8.98
CA TYR B 75 -6.65 -28.94 8.58
C TYR B 75 -6.79 -29.42 7.14
N GLY B 76 -5.64 -29.64 6.51
CA GLY B 76 -5.55 -30.02 5.10
C GLY B 76 -4.19 -29.70 4.53
N PRO B 77 -3.97 -30.06 3.26
CA PRO B 77 -2.69 -29.85 2.64
C PRO B 77 -2.49 -28.36 2.27
N PRO B 78 -1.22 -27.91 2.28
CA PRO B 78 -0.80 -26.53 2.16
C PRO B 78 -1.24 -25.89 0.89
N GLY B 79 -1.69 -24.64 0.99
CA GLY B 79 -1.97 -23.83 -0.17
C GLY B 79 -3.45 -23.73 -0.41
N THR B 80 -4.25 -24.38 0.43
CA THR B 80 -5.71 -24.45 0.16
C THR B 80 -6.51 -23.20 0.54
N GLY B 81 -6.06 -22.44 1.54
CA GLY B 81 -6.78 -21.23 1.96
C GLY B 81 -7.21 -21.13 3.43
N LYS B 82 -6.74 -22.06 4.27
CA LYS B 82 -7.03 -22.09 5.73
C LYS B 82 -7.10 -20.71 6.39
N SER B 83 -6.13 -19.87 6.10
CA SER B 83 -6.11 -18.51 6.62
C SER B 83 -7.19 -17.69 5.97
N TYR B 84 -7.22 -17.71 4.65
CA TYR B 84 -8.16 -16.91 3.91
C TYR B 84 -9.57 -17.21 4.41
N LEU B 85 -9.89 -18.49 4.43
CA LEU B 85 -11.13 -19.01 4.98
C LEU B 85 -11.33 -18.57 6.43
N ALA B 86 -10.29 -18.70 7.25
CA ALA B 86 -10.31 -18.13 8.61
C ALA B 86 -10.80 -16.67 8.61
N LYS B 87 -10.03 -15.75 8.01
CA LYS B 87 -10.43 -14.33 7.88
C LYS B 87 -11.83 -14.13 7.30
N ALA B 88 -12.33 -15.14 6.57
CA ALA B 88 -13.69 -15.12 6.05
C ALA B 88 -14.70 -15.34 7.16
N VAL B 89 -14.42 -16.30 8.03
CA VAL B 89 -15.21 -16.52 9.25
C VAL B 89 -15.24 -15.22 10.05
N ALA B 90 -14.03 -14.71 10.36
CA ALA B 90 -13.87 -13.48 11.09
C ALA B 90 -14.79 -12.39 10.57
N THR B 91 -14.71 -12.08 9.28
CA THR B 91 -15.60 -11.12 8.63
C THR B 91 -17.06 -11.49 8.74
N GLU B 92 -17.36 -12.77 8.73
CA GLU B 92 -18.76 -13.17 8.66
C GLU B 92 -19.45 -13.12 10.02
N ALA B 93 -18.76 -12.53 11.01
CA ALA B 93 -19.26 -12.37 12.36
C ALA B 93 -18.63 -11.15 13.02
N ASN B 94 -18.43 -10.09 12.21
CA ASN B 94 -17.64 -8.89 12.57
C ASN B 94 -16.69 -9.02 13.77
N SER B 95 -16.03 -10.16 13.85
CA SER B 95 -15.05 -10.36 14.88
C SER B 95 -13.74 -9.78 14.41
N THR B 96 -13.10 -9.03 15.28
CA THR B 96 -11.77 -8.52 14.96
C THR B 96 -10.76 -9.67 15.14
N PHE B 97 -9.97 -9.87 14.10
CA PHE B 97 -9.19 -11.09 13.85
C PHE B 97 -7.77 -10.99 14.39
N PHE B 98 -7.40 -11.88 15.32
CA PHE B 98 -6.03 -11.94 15.83
C PHE B 98 -5.38 -13.22 15.38
N SER B 99 -4.11 -13.16 14.97
CA SER B 99 -3.39 -14.34 14.48
C SER B 99 -1.94 -14.41 14.91
N VAL B 100 -1.39 -15.61 14.85
CA VAL B 100 0.00 -15.84 15.17
C VAL B 100 0.49 -17.15 14.56
N SER B 101 1.65 -17.09 13.91
CA SER B 101 2.32 -18.28 13.44
C SER B 101 2.98 -19.02 14.58
N SER B 102 2.36 -20.11 15.02
CA SER B 102 2.96 -20.99 16.02
C SER B 102 4.43 -21.23 15.70
N SER B 103 4.72 -21.42 14.41
CA SER B 103 6.08 -21.61 13.93
C SER B 103 7.02 -20.52 14.43
N ASP B 104 6.76 -19.26 14.07
CA ASP B 104 7.53 -18.13 14.59
C ASP B 104 7.66 -18.27 16.10
N LEU B 105 6.56 -18.05 16.81
CA LEU B 105 6.42 -18.27 18.26
C LEU B 105 7.31 -19.35 18.90
N VAL B 106 7.33 -20.54 18.32
CA VAL B 106 8.15 -21.60 18.88
C VAL B 106 9.63 -21.47 18.45
N SER B 107 9.96 -20.43 17.68
CA SER B 107 11.29 -20.30 17.04
C SER B 107 11.96 -18.90 16.96
N LYS B 108 11.19 -17.88 16.58
CA LYS B 108 11.68 -16.48 16.61
C LYS B 108 11.59 -15.86 18.00
N TRP B 109 10.56 -16.24 18.77
CA TRP B 109 10.37 -15.75 20.14
C TRP B 109 10.27 -16.94 21.10
N MET B 110 11.00 -18.00 20.75
CA MET B 110 11.05 -19.31 21.43
C MET B 110 11.00 -19.36 22.98
N GLY B 111 11.61 -18.36 23.62
CA GLY B 111 11.74 -18.30 25.09
C GLY B 111 10.78 -17.34 25.78
N GLU B 112 10.74 -16.08 25.30
CA GLU B 112 9.78 -15.05 25.79
C GLU B 112 8.31 -15.39 25.40
N SER B 113 8.16 -16.65 24.97
CA SER B 113 6.95 -17.30 24.45
C SER B 113 5.58 -16.85 24.93
N GLU B 114 5.07 -17.64 25.88
CA GLU B 114 3.70 -17.61 26.39
C GLU B 114 3.27 -16.28 26.98
N LYS B 115 4.26 -15.46 27.32
CA LYS B 115 4.04 -14.04 27.61
C LYS B 115 3.19 -13.40 26.48
N LEU B 116 3.39 -13.88 25.25
CA LEU B 116 2.59 -13.44 24.09
C LEU B 116 1.27 -14.24 23.94
N VAL B 117 1.25 -15.48 24.45
CA VAL B 117 0.04 -16.32 24.43
C VAL B 117 -1.09 -15.56 25.08
N LYS B 118 -0.80 -15.08 26.29
CA LYS B 118 -1.75 -14.33 27.04
C LYS B 118 -2.21 -13.04 26.35
N GLN B 119 -1.64 -12.71 25.18
CA GLN B 119 -1.52 -11.30 24.79
C GLN B 119 -2.52 -10.44 23.96
N LEU B 120 -2.99 -10.82 22.77
CA LEU B 120 -3.55 -12.10 22.33
C LEU B 120 -4.72 -12.52 23.15
N PHE B 121 -4.66 -13.67 23.82
CA PHE B 121 -5.87 -14.15 24.48
C PHE B 121 -6.58 -12.97 25.15
N ALA B 122 -5.83 -12.18 25.92
CA ALA B 122 -6.35 -10.95 26.51
C ALA B 122 -6.82 -9.93 25.44
N MET B 123 -5.94 -9.58 24.50
CA MET B 123 -6.32 -8.57 23.48
C MET B 123 -7.56 -8.97 22.71
N ALA B 124 -7.69 -10.28 22.48
CA ALA B 124 -8.90 -10.86 21.92
C ALA B 124 -10.11 -10.59 22.83
N ARG B 125 -10.02 -11.00 24.10
CA ARG B 125 -11.13 -10.82 25.06
C ARG B 125 -11.49 -9.36 25.23
N GLU B 126 -10.48 -8.50 25.28
CA GLU B 126 -10.69 -7.07 25.36
C GLU B 126 -11.33 -6.47 24.09
N ASN B 127 -11.56 -7.30 23.07
CA ASN B 127 -12.13 -6.84 21.78
C ASN B 127 -13.25 -7.67 21.16
N LYS B 128 -14.02 -8.38 22.00
CA LYS B 128 -15.18 -9.14 21.55
C LYS B 128 -16.05 -8.31 20.59
N PRO B 129 -16.61 -8.94 19.54
CA PRO B 129 -16.34 -10.33 19.15
C PRO B 129 -14.95 -10.40 18.49
N SER B 130 -14.22 -11.47 18.76
CA SER B 130 -12.88 -11.64 18.23
C SER B 130 -12.54 -13.11 18.06
N ILE B 131 -11.95 -13.47 16.93
CA ILE B 131 -11.44 -14.82 16.73
C ILE B 131 -9.92 -14.86 16.81
N ILE B 132 -9.38 -15.78 17.60
CA ILE B 132 -7.95 -16.05 17.63
C ILE B 132 -7.74 -17.08 16.55
N PHE B 133 -6.59 -17.00 15.90
CA PHE B 133 -6.22 -17.94 14.83
C PHE B 133 -4.81 -18.32 15.11
N ILE B 134 -4.60 -19.55 15.53
CA ILE B 134 -3.26 -20.07 15.68
C ILE B 134 -2.92 -20.82 14.40
N ASP B 135 -1.92 -20.28 13.70
CA ASP B 135 -1.44 -20.82 12.43
C ASP B 135 -0.38 -21.85 12.74
N GLN B 136 -0.22 -22.83 11.86
CA GLN B 136 0.84 -23.81 12.06
C GLN B 136 0.81 -24.40 13.48
N VAL B 137 -0.37 -24.82 13.92
CA VAL B 137 -0.55 -25.39 15.27
C VAL B 137 0.28 -26.65 15.53
N ASP B 138 0.66 -27.35 14.47
CA ASP B 138 1.52 -28.54 14.58
C ASP B 138 2.93 -28.22 15.09
N ALA B 139 3.25 -26.92 15.20
CA ALA B 139 4.56 -26.43 15.67
C ALA B 139 4.75 -26.54 17.18
N LEU B 140 3.79 -27.15 17.86
CA LEU B 140 3.83 -27.31 19.31
C LEU B 140 4.09 -28.78 19.75
N THR B 141 3.95 -29.73 18.83
CA THR B 141 4.35 -31.12 19.06
C THR B 141 5.88 -31.20 18.99
N GLY B 142 6.41 -31.72 17.88
CA GLY B 142 7.85 -31.86 17.65
C GLY B 142 8.65 -32.24 18.90
N THR B 143 8.57 -33.52 19.28
CA THR B 143 9.20 -34.03 20.51
C THR B 143 10.74 -34.09 20.48
N ARG B 144 11.37 -33.25 21.30
CA ARG B 144 12.84 -33.20 21.51
C ARG B 144 13.16 -32.61 22.88
N GLY B 145 14.27 -33.04 23.48
CA GLY B 145 14.66 -32.59 24.83
C GLY B 145 15.77 -31.55 24.91
N GLU B 146 15.70 -30.52 24.05
CA GLU B 146 16.69 -29.41 23.99
C GLU B 146 16.12 -28.02 24.40
N GLY B 147 15.26 -27.46 23.54
CA GLY B 147 14.49 -26.25 23.85
C GLY B 147 13.07 -26.36 23.29
N GLU B 148 12.57 -27.60 23.23
CA GLU B 148 11.31 -27.94 22.57
C GLU B 148 10.40 -28.77 23.50
N SER B 149 10.99 -29.28 24.59
CA SER B 149 10.30 -30.12 25.58
C SER B 149 10.07 -29.38 26.90
N GLU B 150 10.60 -28.15 26.97
CA GLU B 150 10.51 -27.34 28.19
C GLU B 150 10.40 -25.84 27.83
N ALA B 151 11.03 -25.46 26.73
CA ALA B 151 10.74 -24.16 26.11
C ALA B 151 9.48 -24.27 25.22
N SER B 152 9.26 -25.44 24.61
CA SER B 152 8.05 -25.71 23.80
C SER B 152 7.07 -26.72 24.44
N ARG B 153 7.11 -26.85 25.76
CA ARG B 153 6.02 -27.50 26.51
C ARG B 153 5.65 -26.60 27.68
N ARG B 154 6.35 -25.48 27.75
CA ARG B 154 5.98 -24.38 28.62
C ARG B 154 5.32 -23.28 27.78
N ILE B 155 4.88 -23.66 26.58
CA ILE B 155 3.91 -22.87 25.82
C ILE B 155 2.68 -23.72 25.68
N LYS B 156 2.91 -25.02 25.49
CA LYS B 156 1.84 -25.99 25.33
C LYS B 156 0.81 -25.88 26.43
N THR B 157 1.28 -25.90 27.66
CA THR B 157 0.43 -25.82 28.83
C THR B 157 -0.32 -24.49 28.94
N GLU B 158 0.37 -23.38 28.67
CA GLU B 158 -0.25 -22.05 28.77
C GLU B 158 -1.45 -21.88 27.83
N LEU B 159 -1.40 -22.55 26.69
CA LEU B 159 -2.48 -22.44 25.69
C LEU B 159 -3.78 -23.11 26.14
N LEU B 160 -3.67 -24.29 26.74
CA LEU B 160 -4.84 -24.97 27.30
C LEU B 160 -5.37 -24.10 28.44
N VAL B 161 -4.44 -23.57 29.23
CA VAL B 161 -4.72 -22.68 30.36
C VAL B 161 -5.52 -21.46 29.93
N GLN B 162 -5.20 -20.93 28.77
CA GLN B 162 -5.91 -19.77 28.23
C GLN B 162 -7.20 -20.16 27.53
N MET B 163 -7.36 -21.45 27.25
CA MET B 163 -8.52 -21.96 26.53
C MET B 163 -9.66 -22.49 27.41
N ASN B 164 -9.65 -22.06 28.67
CA ASN B 164 -10.71 -22.38 29.64
C ASN B 164 -11.31 -21.12 30.32
N GLY B 165 -10.79 -19.95 29.97
CA GLY B 165 -11.44 -18.66 30.25
C GLY B 165 -12.18 -18.25 28.98
N VAL B 166 -11.84 -18.94 27.89
CA VAL B 166 -12.57 -18.91 26.61
C VAL B 166 -13.37 -20.22 26.49
N GLY B 167 -12.91 -21.26 27.20
CA GLY B 167 -13.67 -22.48 27.41
C GLY B 167 -14.88 -22.26 28.30
N ASN B 168 -14.93 -21.10 28.97
CA ASN B 168 -16.09 -20.68 29.81
C ASN B 168 -16.29 -19.16 30.16
N ASP B 169 -15.21 -18.44 30.51
CA ASP B 169 -15.34 -17.23 31.36
C ASP B 169 -15.69 -15.87 30.71
N SER B 170 -14.84 -15.39 29.82
CA SER B 170 -15.06 -14.08 29.18
C SER B 170 -15.38 -14.19 27.68
N GLN B 171 -15.42 -15.44 27.20
CA GLN B 171 -15.60 -15.79 25.76
C GLN B 171 -16.73 -15.12 24.94
N GLY B 172 -16.35 -14.03 24.27
CA GLY B 172 -16.97 -13.61 23.00
C GLY B 172 -15.93 -13.92 21.93
N VAL B 173 -15.09 -14.92 22.22
CA VAL B 173 -13.98 -15.37 21.35
C VAL B 173 -14.01 -16.88 21.11
N LEU B 174 -13.47 -17.28 19.95
CA LEU B 174 -13.45 -18.64 19.46
C LEU B 174 -12.07 -18.89 18.85
N VAL B 175 -11.66 -20.14 18.73
CA VAL B 175 -10.31 -20.41 18.26
C VAL B 175 -10.24 -21.33 17.05
N LEU B 176 -9.63 -20.83 15.96
CA LEU B 176 -9.34 -21.64 14.78
C LEU B 176 -7.89 -22.07 14.81
N GLY B 177 -7.66 -23.37 14.79
CA GLY B 177 -6.29 -23.84 14.72
C GLY B 177 -6.08 -24.40 13.34
N ALA B 178 -5.05 -23.92 12.65
CA ALA B 178 -4.75 -24.41 11.30
C ALA B 178 -3.54 -25.30 11.28
N THR B 179 -3.64 -26.42 10.56
CA THR B 179 -2.51 -27.31 10.35
C THR B 179 -2.49 -27.98 8.97
N ASN B 180 -1.30 -28.32 8.50
CA ASN B 180 -1.13 -29.17 7.34
C ASN B 180 -0.70 -30.53 7.79
N ILE B 181 -0.10 -30.59 8.98
CA ILE B 181 0.46 -31.83 9.52
C ILE B 181 -0.31 -32.29 10.77
N PRO B 182 -1.62 -32.63 10.59
CA PRO B 182 -2.51 -32.87 11.72
C PRO B 182 -2.30 -34.22 12.39
N TRP B 183 -1.80 -35.21 11.64
CA TRP B 183 -1.34 -36.48 12.22
C TRP B 183 -0.21 -36.20 13.19
N GLN B 184 0.74 -35.38 12.79
CA GLN B 184 1.85 -35.07 13.65
C GLN B 184 1.51 -33.88 14.58
N LEU B 185 0.32 -33.93 15.17
CA LEU B 185 -0.13 -32.94 16.14
C LEU B 185 -0.43 -33.55 17.52
N ASP B 186 0.06 -32.88 18.57
CA ASP B 186 -0.01 -33.32 19.98
C ASP B 186 -1.44 -33.61 20.45
N SER B 187 -1.67 -34.81 20.98
CA SER B 187 -3.00 -35.29 21.40
C SER B 187 -3.78 -34.33 22.30
N ALA B 188 -3.08 -33.71 23.25
CA ALA B 188 -3.66 -32.74 24.17
C ALA B 188 -4.37 -31.59 23.47
N ILE B 189 -3.68 -30.99 22.50
CA ILE B 189 -4.19 -29.84 21.72
C ILE B 189 -5.26 -30.30 20.73
N ARG B 190 -4.99 -31.41 20.03
CA ARG B 190 -5.99 -32.05 19.20
C ARG B 190 -7.28 -32.19 19.99
N ARG B 191 -7.11 -32.60 21.25
CA ARG B 191 -8.22 -32.79 22.18
C ARG B 191 -9.01 -31.51 22.41
N ARG B 192 -8.35 -30.42 22.83
CA ARG B 192 -9.12 -29.21 23.12
C ARG B 192 -9.70 -28.58 21.86
N PHE B 193 -9.38 -29.18 20.70
CA PHE B 193 -9.96 -28.74 19.44
C PHE B 193 -11.13 -29.63 19.00
N GLU B 194 -12.32 -29.27 19.50
CA GLU B 194 -13.55 -30.05 19.29
C GLU B 194 -13.82 -30.43 17.84
N ARG B 195 -14.45 -29.52 17.11
CA ARG B 195 -14.69 -29.70 15.68
C ARG B 195 -13.35 -29.63 14.93
N ARG B 196 -13.32 -30.30 13.77
CA ARG B 196 -12.16 -30.42 12.91
C ARG B 196 -12.67 -30.45 11.46
N ILE B 197 -12.24 -29.49 10.65
CA ILE B 197 -12.75 -29.32 9.29
C ILE B 197 -11.66 -29.41 8.24
N TYR B 198 -11.91 -30.26 7.25
CA TYR B 198 -10.93 -30.62 6.25
C TYR B 198 -11.00 -29.70 5.06
N ILE B 199 -9.87 -29.06 4.75
CA ILE B 199 -9.78 -28.11 3.64
C ILE B 199 -8.99 -28.71 2.46
N PRO B 200 -9.72 -29.29 1.49
CA PRO B 200 -9.09 -30.08 0.44
C PRO B 200 -8.49 -29.23 -0.69
N LEU B 201 -7.92 -29.90 -1.70
CA LEU B 201 -7.34 -29.19 -2.83
C LEU B 201 -8.47 -28.74 -3.74
N PRO B 202 -8.28 -27.62 -4.43
CA PRO B 202 -9.34 -27.02 -5.22
C PRO B 202 -9.84 -27.97 -6.28
N ASP B 203 -11.16 -28.10 -6.35
CA ASP B 203 -11.80 -28.86 -7.44
C ASP B 203 -11.73 -28.09 -8.76
N LEU B 204 -12.38 -28.64 -9.78
CA LEU B 204 -12.38 -28.02 -11.09
C LEU B 204 -12.97 -26.60 -11.07
N ALA B 205 -14.25 -26.51 -10.70
CA ALA B 205 -14.89 -25.22 -10.49
C ALA B 205 -13.89 -24.29 -9.80
N ALA B 206 -13.37 -24.74 -8.67
CA ALA B 206 -12.53 -23.94 -7.81
C ALA B 206 -11.29 -23.47 -8.54
N ARG B 207 -10.46 -24.41 -8.99
CA ARG B 207 -9.24 -24.10 -9.76
C ARG B 207 -9.53 -23.01 -10.81
N THR B 208 -10.51 -23.26 -11.68
CA THR B 208 -10.87 -22.30 -12.71
C THR B 208 -11.01 -20.88 -12.15
N THR B 209 -11.78 -20.71 -11.06
CA THR B 209 -12.04 -19.36 -10.53
C THR B 209 -10.72 -18.75 -10.13
N MET B 210 -9.93 -19.50 -9.37
CA MET B 210 -8.63 -18.99 -9.03
C MET B 210 -7.90 -18.44 -10.26
N PHE B 211 -7.74 -19.23 -11.31
CA PHE B 211 -7.06 -18.73 -12.49
C PHE B 211 -7.52 -17.33 -12.85
N GLU B 212 -8.83 -17.12 -12.86
CA GLU B 212 -9.39 -15.83 -13.22
C GLU B 212 -9.09 -14.80 -12.16
N ILE B 213 -9.39 -15.11 -10.90
CA ILE B 213 -9.07 -14.21 -9.80
C ILE B 213 -7.64 -13.68 -9.94
N ASN B 214 -6.69 -14.58 -10.21
CA ASN B 214 -5.31 -14.17 -10.34
C ASN B 214 -5.03 -13.25 -11.52
N VAL B 215 -5.74 -13.46 -12.62
CA VAL B 215 -5.52 -12.64 -13.79
C VAL B 215 -6.28 -11.31 -13.72
N GLY B 216 -7.61 -11.35 -13.80
CA GLY B 216 -8.47 -10.16 -13.87
C GLY B 216 -8.00 -9.06 -14.83
N ASP B 217 -7.72 -7.90 -14.26
CA ASP B 217 -7.32 -6.72 -15.01
C ASP B 217 -6.29 -6.93 -16.11
N THR B 218 -5.29 -7.78 -15.87
CA THR B 218 -4.22 -7.97 -16.84
C THR B 218 -4.86 -8.18 -18.22
N PRO B 219 -4.45 -7.35 -19.21
CA PRO B 219 -4.92 -7.45 -20.58
C PRO B 219 -4.48 -8.77 -21.19
N CYS B 220 -5.39 -9.47 -21.88
CA CYS B 220 -5.03 -10.71 -22.55
C CYS B 220 -6.01 -11.17 -23.64
N VAL B 221 -6.08 -12.48 -23.82
CA VAL B 221 -7.00 -13.12 -24.74
C VAL B 221 -7.42 -14.43 -24.06
N LEU B 222 -8.47 -14.44 -23.27
CA LEU B 222 -8.81 -15.67 -22.57
C LEU B 222 -10.29 -15.87 -22.37
N THR B 223 -10.84 -16.72 -23.22
CA THR B 223 -12.25 -17.04 -23.23
C THR B 223 -12.64 -17.74 -21.93
N LYS B 224 -13.94 -17.71 -21.58
CA LYS B 224 -14.42 -18.49 -20.44
C LYS B 224 -13.89 -19.88 -20.67
N GLU B 225 -13.95 -20.29 -21.93
CA GLU B 225 -13.58 -21.62 -22.35
C GLU B 225 -12.11 -21.94 -22.08
N ASP B 226 -11.25 -20.99 -22.40
CA ASP B 226 -9.84 -21.11 -22.08
C ASP B 226 -9.61 -21.31 -20.59
N TYR B 227 -10.35 -20.58 -19.76
CA TYR B 227 -10.20 -20.70 -18.31
C TYR B 227 -10.57 -22.08 -17.79
N ARG B 228 -11.71 -22.60 -18.26
CA ARG B 228 -12.08 -23.93 -17.82
C ARG B 228 -10.95 -24.87 -18.20
N THR B 229 -10.35 -24.63 -19.37
CA THR B 229 -9.32 -25.54 -19.87
C THR B 229 -8.10 -25.53 -18.97
N LEU B 230 -7.68 -24.35 -18.51
CA LEU B 230 -6.57 -24.26 -17.56
C LEU B 230 -6.92 -24.89 -16.25
N GLY B 231 -8.17 -24.81 -15.85
CA GLY B 231 -8.60 -25.50 -14.64
C GLY B 231 -8.47 -27.00 -14.80
N ALA B 232 -9.12 -27.52 -15.84
CA ALA B 232 -9.08 -28.91 -16.20
C ALA B 232 -7.67 -29.45 -16.36
N MET B 233 -6.70 -28.57 -16.63
CA MET B 233 -5.32 -29.01 -16.84
C MET B 233 -4.51 -29.06 -15.57
N THR B 234 -5.07 -28.67 -14.41
CA THR B 234 -4.27 -28.45 -13.17
C THR B 234 -4.67 -29.17 -11.89
N GLU B 235 -5.31 -30.32 -12.01
CA GLU B 235 -5.82 -31.04 -10.84
C GLU B 235 -4.73 -31.52 -9.89
N GLY B 236 -4.76 -31.04 -8.66
CA GLY B 236 -3.83 -31.52 -7.66
C GLY B 236 -2.96 -30.35 -7.29
N TYR B 237 -3.07 -29.31 -8.09
CA TYR B 237 -2.51 -28.04 -7.72
C TYR B 237 -3.36 -27.47 -6.57
N SER B 238 -2.71 -26.81 -5.62
CA SER B 238 -3.38 -26.02 -4.60
C SER B 238 -3.64 -24.63 -5.15
N GLY B 239 -4.62 -23.94 -4.59
CA GLY B 239 -4.82 -22.50 -4.84
C GLY B 239 -3.51 -21.71 -4.82
N SER B 240 -2.60 -22.10 -3.94
CA SER B 240 -1.30 -21.46 -3.86
C SER B 240 -0.46 -21.72 -5.11
N ASP B 241 -0.52 -22.95 -5.61
CA ASP B 241 0.22 -23.35 -6.81
C ASP B 241 -0.19 -22.51 -8.02
N ILE B 242 -1.50 -22.45 -8.23
CA ILE B 242 -2.09 -21.67 -9.29
C ILE B 242 -1.57 -20.23 -9.23
N ALA B 243 -1.42 -19.73 -7.99
CA ALA B 243 -0.78 -18.47 -7.72
C ALA B 243 0.56 -18.39 -8.43
N VAL B 244 1.47 -19.33 -8.16
CA VAL B 244 2.76 -19.27 -8.83
C VAL B 244 2.52 -19.35 -10.32
N VAL B 245 1.75 -20.33 -10.72
CA VAL B 245 1.48 -20.56 -12.12
C VAL B 245 1.19 -19.27 -12.88
N VAL B 246 0.18 -18.51 -12.43
CA VAL B 246 -0.32 -17.36 -13.19
C VAL B 246 0.62 -16.16 -13.09
N LYS B 247 1.33 -16.06 -11.98
CA LYS B 247 2.34 -15.02 -11.82
C LYS B 247 3.35 -15.17 -12.94
N ASP B 248 3.78 -16.40 -13.16
CA ASP B 248 4.82 -16.81 -14.09
C ASP B 248 4.33 -16.69 -15.53
N ALA B 249 3.04 -16.96 -15.71
CA ALA B 249 2.40 -16.85 -17.01
C ALA B 249 2.49 -15.41 -17.54
N LEU B 250 2.05 -14.45 -16.71
CA LEU B 250 1.96 -13.06 -17.14
C LEU B 250 3.33 -12.47 -17.39
N MET B 251 4.35 -13.13 -16.86
CA MET B 251 5.69 -12.65 -17.09
C MET B 251 6.22 -13.08 -18.48
N GLN B 252 5.41 -13.84 -19.20
CA GLN B 252 5.82 -14.32 -20.53
C GLN B 252 6.11 -13.24 -21.59
N PRO B 253 5.18 -12.31 -21.80
CA PRO B 253 5.49 -11.34 -22.83
C PRO B 253 6.78 -10.59 -22.52
N ILE B 254 7.08 -10.39 -21.25
CA ILE B 254 8.23 -9.59 -20.84
C ILE B 254 9.48 -10.42 -20.96
N ARG B 255 9.42 -11.65 -20.48
CA ARG B 255 10.51 -12.62 -20.75
C ARG B 255 10.81 -12.65 -22.25
N LYS B 256 9.74 -12.89 -23.04
CA LYS B 256 9.79 -12.91 -24.51
C LYS B 256 10.48 -11.68 -25.07
N ILE B 257 10.23 -10.52 -24.48
CA ILE B 257 10.86 -9.29 -24.94
C ILE B 257 12.32 -9.18 -24.48
N GLN B 258 12.61 -9.51 -23.22
CA GLN B 258 13.96 -9.25 -22.71
C GLN B 258 14.97 -10.14 -23.41
N SER B 259 14.61 -11.41 -23.53
CA SER B 259 15.49 -12.41 -24.09
C SER B 259 15.53 -12.39 -25.61
N ALA B 260 14.48 -11.94 -26.27
CA ALA B 260 14.42 -11.94 -27.76
C ALA B 260 15.63 -11.32 -28.45
N THR B 261 15.98 -11.90 -29.60
CA THR B 261 17.20 -11.63 -30.33
C THR B 261 16.89 -10.82 -31.58
N HIS B 262 15.75 -11.13 -32.16
CA HIS B 262 15.34 -10.52 -33.38
C HIS B 262 13.97 -9.96 -33.16
N PHE B 263 13.71 -8.83 -33.80
CA PHE B 263 12.38 -8.20 -33.77
C PHE B 263 11.86 -7.99 -35.20
N LYS B 264 10.54 -8.11 -35.37
CA LYS B 264 9.93 -7.78 -36.65
C LYS B 264 8.93 -6.63 -36.50
N ASP B 265 8.92 -5.74 -37.48
CA ASP B 265 7.98 -4.65 -37.50
C ASP B 265 6.67 -5.14 -38.04
N VAL B 266 5.62 -4.88 -37.29
CA VAL B 266 4.31 -5.38 -37.61
C VAL B 266 3.30 -4.25 -37.46
N SER B 267 3.70 -3.06 -37.89
CA SER B 267 2.84 -1.89 -37.74
C SER B 267 1.99 -1.81 -38.97
N THR B 268 0.86 -1.13 -38.83
CA THR B 268 -0.02 -0.91 -39.96
C THR B 268 0.23 0.50 -40.50
N GLU B 269 0.02 0.68 -41.80
CA GLU B 269 -0.22 1.98 -42.41
C GLU B 269 -0.86 2.99 -41.41
N ASP B 270 -1.48 2.44 -40.36
CA ASP B 270 -2.28 3.21 -39.41
C ASP B 270 -1.64 3.50 -38.05
N ASP B 271 -0.32 3.25 -37.91
CA ASP B 271 0.42 3.52 -36.67
C ASP B 271 1.40 4.65 -36.93
N GLU B 272 1.40 5.67 -36.08
CA GLU B 272 2.22 6.85 -36.33
C GLU B 272 3.69 6.50 -36.30
N THR B 273 4.02 5.54 -35.45
CA THR B 273 5.37 5.05 -35.29
C THR B 273 5.39 3.54 -35.54
N ARG B 274 6.56 3.02 -35.84
CA ARG B 274 6.75 1.60 -36.05
C ARG B 274 6.31 0.80 -34.82
N LYS B 275 5.85 -0.43 -35.06
CA LYS B 275 5.46 -1.39 -34.02
C LYS B 275 6.25 -2.70 -34.14
N LEU B 276 7.32 -2.79 -33.33
CA LEU B 276 8.25 -3.91 -33.35
C LEU B 276 7.85 -4.97 -32.34
N THR B 277 7.72 -6.21 -32.81
CA THR B 277 7.47 -7.36 -31.93
C THR B 277 8.65 -8.31 -31.95
N PRO B 278 8.90 -8.98 -30.82
CA PRO B 278 9.89 -10.03 -30.70
C PRO B 278 9.49 -11.21 -31.58
N CYS B 279 10.46 -11.89 -32.18
CA CYS B 279 10.17 -13.00 -33.11
C CYS B 279 11.39 -13.88 -33.30
N SER B 280 11.17 -15.01 -33.98
CA SER B 280 12.23 -15.99 -34.21
C SER B 280 13.16 -15.48 -35.30
N PRO B 281 14.47 -15.77 -35.18
CA PRO B 281 15.44 -15.13 -36.09
C PRO B 281 15.16 -15.61 -37.53
N GLY B 282 14.93 -16.92 -37.65
CA GLY B 282 14.39 -17.51 -38.86
C GLY B 282 12.90 -17.27 -38.86
N ASP B 283 12.54 -16.02 -39.15
CA ASP B 283 11.16 -15.69 -39.36
C ASP B 283 11.15 -14.65 -40.46
N ASP B 284 10.09 -14.71 -41.25
CA ASP B 284 9.83 -13.74 -42.29
C ASP B 284 9.90 -12.33 -41.73
N GLY B 285 10.91 -11.58 -42.18
CA GLY B 285 11.00 -10.15 -41.88
C GLY B 285 11.61 -9.73 -40.55
N ALA B 286 12.45 -10.57 -39.95
CA ALA B 286 13.11 -10.27 -38.69
C ALA B 286 14.09 -9.10 -38.81
N ILE B 287 14.58 -8.63 -37.66
CA ILE B 287 15.68 -7.68 -37.55
C ILE B 287 16.41 -8.12 -36.31
N GLU B 288 17.73 -8.21 -36.39
CA GLU B 288 18.48 -8.42 -35.18
C GLU B 288 18.47 -7.10 -34.45
N MET B 289 18.01 -7.13 -33.20
CA MET B 289 18.01 -5.99 -32.29
C MET B 289 17.49 -6.43 -30.94
N SER B 290 18.10 -5.95 -29.86
CA SER B 290 17.61 -6.29 -28.55
C SER B 290 16.62 -5.22 -28.15
N TRP B 291 16.06 -5.36 -26.96
CA TRP B 291 15.06 -4.43 -26.50
C TRP B 291 15.70 -3.13 -26.10
N THR B 292 16.98 -3.21 -25.81
CA THR B 292 17.76 -2.02 -25.50
C THR B 292 18.07 -1.41 -26.85
N ASP B 293 17.04 -0.97 -27.56
CA ASP B 293 17.15 -0.57 -28.96
C ASP B 293 15.81 -0.25 -29.52
N ILE B 294 14.79 -0.25 -28.67
CA ILE B 294 13.46 -0.04 -29.15
C ILE B 294 12.92 1.06 -28.30
N GLU B 295 12.56 2.18 -28.92
CA GLU B 295 11.95 3.31 -28.22
C GLU B 295 10.61 2.91 -27.60
N ALA B 296 10.37 3.43 -26.40
CA ALA B 296 9.24 3.01 -25.58
C ALA B 296 7.99 2.81 -26.41
N ASP B 297 7.45 3.87 -27.00
CA ASP B 297 6.14 3.70 -27.63
C ASP B 297 6.20 3.11 -29.05
N GLU B 298 7.31 2.47 -29.39
CA GLU B 298 7.35 1.71 -30.63
C GLU B 298 7.48 0.19 -30.41
N LEU B 299 7.41 -0.23 -29.15
CA LEU B 299 7.41 -1.65 -28.80
C LEU B 299 6.01 -2.24 -28.83
N LYS B 300 5.86 -3.45 -29.41
CA LYS B 300 4.58 -4.19 -29.45
C LYS B 300 4.62 -5.46 -28.59
N GLU B 301 4.14 -5.40 -27.36
CA GLU B 301 4.33 -6.56 -26.47
C GLU B 301 3.47 -7.74 -26.89
N PRO B 302 4.04 -8.96 -26.85
CA PRO B 302 3.33 -10.20 -27.17
C PRO B 302 2.02 -10.37 -26.37
N ASP B 303 1.07 -11.16 -26.88
CA ASP B 303 -0.24 -11.32 -26.24
C ASP B 303 -0.20 -12.41 -25.17
N LEU B 304 -1.08 -12.35 -24.18
CA LEU B 304 -1.24 -13.51 -23.30
C LEU B 304 -2.28 -14.44 -23.94
N THR B 305 -2.03 -15.75 -23.85
CA THR B 305 -2.82 -16.73 -24.57
C THR B 305 -2.89 -17.92 -23.67
N ILE B 306 -3.83 -18.83 -23.93
CA ILE B 306 -3.82 -20.06 -23.17
C ILE B 306 -2.39 -20.55 -23.23
N LYS B 307 -1.76 -20.32 -24.39
CA LYS B 307 -0.39 -20.77 -24.68
C LYS B 307 0.62 -20.48 -23.55
N ASP B 308 0.59 -19.26 -22.98
CA ASP B 308 1.50 -18.82 -21.91
C ASP B 308 1.27 -19.49 -20.57
N PHE B 309 0.03 -19.89 -20.30
CA PHE B 309 -0.29 -20.51 -19.04
C PHE B 309 -0.03 -21.98 -19.10
N LEU B 310 -0.21 -22.53 -20.30
CA LEU B 310 0.09 -23.93 -20.52
C LEU B 310 1.58 -24.11 -20.33
N LYS B 311 2.36 -23.23 -20.96
CA LYS B 311 3.79 -23.24 -20.79
C LYS B 311 4.12 -23.26 -19.31
N ALA B 312 3.34 -22.52 -18.53
CA ALA B 312 3.55 -22.40 -17.09
C ALA B 312 3.19 -23.70 -16.35
N ILE B 313 1.92 -24.11 -16.44
CA ILE B 313 1.44 -25.40 -15.98
C ILE B 313 2.48 -26.49 -16.29
N LYS B 314 2.97 -26.47 -17.55
CA LYS B 314 3.90 -27.48 -18.02
C LYS B 314 5.11 -27.49 -17.15
N SER B 315 5.63 -26.32 -16.83
CA SER B 315 6.88 -26.25 -16.12
C SER B 315 6.75 -26.21 -14.60
N THR B 316 5.53 -26.22 -14.07
CA THR B 316 5.35 -26.35 -12.61
C THR B 316 4.96 -27.77 -12.24
N ARG B 317 5.02 -28.02 -10.94
CA ARG B 317 4.56 -29.26 -10.33
C ARG B 317 3.48 -28.90 -9.25
N PRO B 318 2.63 -29.86 -8.86
CA PRO B 318 1.84 -29.58 -7.68
C PRO B 318 2.75 -29.70 -6.49
N THR B 319 2.44 -29.00 -5.40
CA THR B 319 3.28 -29.08 -4.21
C THR B 319 2.95 -30.33 -3.41
N VAL B 320 1.67 -30.63 -3.27
CA VAL B 320 1.20 -31.72 -2.43
C VAL B 320 1.40 -33.03 -3.14
N ASN B 321 2.34 -33.84 -2.66
CA ASN B 321 2.54 -35.18 -3.20
C ASN B 321 1.38 -36.07 -2.78
N GLU B 322 1.25 -37.21 -3.42
CA GLU B 322 0.06 -37.99 -3.20
C GLU B 322 0.18 -38.86 -1.94
N ASP B 323 1.38 -38.95 -1.38
CA ASP B 323 1.57 -39.61 -0.10
C ASP B 323 0.89 -38.80 1.00
N ASP B 324 1.42 -37.62 1.28
CA ASP B 324 0.88 -36.80 2.37
C ASP B 324 -0.52 -36.22 1.99
N LEU B 325 -1.32 -37.08 1.37
CA LEU B 325 -2.65 -36.74 0.97
C LEU B 325 -3.54 -37.91 1.37
N LEU B 326 -2.92 -39.08 1.54
CA LEU B 326 -3.58 -40.25 2.14
C LEU B 326 -3.45 -40.20 3.68
N LYS B 327 -2.29 -39.71 4.14
CA LYS B 327 -2.06 -39.40 5.55
C LYS B 327 -3.01 -38.30 6.00
N GLN B 328 -3.59 -37.60 5.03
CA GLN B 328 -4.65 -36.66 5.28
C GLN B 328 -5.99 -37.39 5.31
N GLU B 329 -6.21 -38.32 4.37
CA GLU B 329 -7.46 -39.11 4.37
C GLU B 329 -7.55 -39.77 5.74
N GLN B 330 -6.41 -40.32 6.18
CA GLN B 330 -6.23 -41.04 7.45
C GLN B 330 -6.83 -40.24 8.59
N PHE B 331 -6.11 -39.19 8.99
CA PHE B 331 -6.54 -38.28 10.05
C PHE B 331 -8.04 -37.97 9.98
N THR B 332 -8.61 -37.93 8.78
CA THR B 332 -10.06 -37.78 8.64
C THR B 332 -10.79 -39.03 9.13
N ARG B 333 -10.51 -40.18 8.52
CA ARG B 333 -11.20 -41.41 8.88
C ARG B 333 -11.33 -41.51 10.40
N ASP B 334 -10.19 -41.31 11.05
CA ASP B 334 -10.04 -41.60 12.45
C ASP B 334 -9.61 -40.40 13.27
N PHE B 335 -10.42 -39.37 13.18
CA PHE B 335 -10.27 -38.16 14.01
C PHE B 335 -11.28 -37.13 13.53
N GLY B 336 -11.95 -37.43 12.43
CA GLY B 336 -12.93 -36.53 11.83
C GLY B 336 -14.11 -36.15 12.71
N GLN B 337 -14.41 -36.96 13.71
CA GLN B 337 -15.60 -36.74 14.54
C GLN B 337 -15.37 -36.55 16.07
N GLU B 338 -14.41 -37.29 16.63
CA GLU B 338 -14.11 -37.25 18.07
C GLU B 338 -13.39 -35.97 18.47
N ILE C 26 -31.63 15.84 25.74
CA ILE C 26 -30.21 15.92 25.28
C ILE C 26 -29.80 14.68 24.46
N LEU C 27 -29.88 14.79 23.13
CA LEU C 27 -29.40 13.76 22.19
C LEU C 27 -27.87 13.59 22.30
N SER C 28 -27.32 12.52 21.69
CA SER C 28 -25.89 12.18 21.84
C SER C 28 -25.42 11.03 20.94
N GLU C 29 -24.40 11.29 20.11
CA GLU C 29 -23.73 10.23 19.33
C GLU C 29 -22.52 10.68 18.49
N LYS C 30 -21.35 10.08 18.75
CA LYS C 30 -20.14 10.25 17.91
C LYS C 30 -20.42 9.69 16.52
N PRO C 31 -20.55 10.58 15.52
CA PRO C 31 -21.11 10.20 14.21
C PRO C 31 -20.05 9.76 13.20
N ASN C 32 -20.47 9.63 11.94
CA ASN C 32 -19.57 9.30 10.83
C ASN C 32 -19.94 10.06 9.56
N VAL C 33 -19.14 11.08 9.25
CA VAL C 33 -19.33 11.91 8.04
C VAL C 33 -18.03 12.61 7.60
N LYS C 34 -17.81 12.65 6.28
CA LYS C 34 -16.60 13.21 5.67
C LYS C 34 -16.97 14.49 4.91
N TRP C 35 -15.98 15.36 4.70
CA TRP C 35 -16.15 16.53 3.82
C TRP C 35 -16.58 16.13 2.41
N GLU C 36 -16.58 14.82 2.17
CA GLU C 36 -17.03 14.28 0.90
C GLU C 36 -18.56 14.12 0.84
N ASP C 37 -19.18 14.04 2.01
CA ASP C 37 -20.64 13.81 2.14
C ASP C 37 -21.51 15.07 1.95
N VAL C 38 -20.88 16.21 1.68
CA VAL C 38 -21.60 17.50 1.52
C VAL C 38 -21.02 18.30 0.35
N ALA C 39 -21.48 17.98 -0.86
CA ALA C 39 -20.98 18.58 -2.09
C ALA C 39 -21.26 20.07 -2.22
N GLY C 40 -20.26 20.82 -2.66
CA GLY C 40 -20.39 22.25 -2.95
C GLY C 40 -19.56 23.16 -2.07
N LEU C 41 -20.22 23.78 -1.09
CA LEU C 41 -19.60 24.62 -0.05
C LEU C 41 -18.37 23.97 0.60
N GLU C 42 -17.20 24.24 0.02
CA GLU C 42 -15.94 23.66 0.49
C GLU C 42 -15.05 24.75 1.08
N GLY C 43 -15.27 25.98 0.65
CA GLY C 43 -14.67 27.15 1.28
C GLY C 43 -15.17 27.33 2.70
N ALA C 44 -16.43 26.97 2.92
CA ALA C 44 -16.98 26.87 4.27
C ALA C 44 -16.33 25.68 5.01
N LYS C 45 -16.16 24.57 4.29
CA LYS C 45 -15.49 23.39 4.84
C LYS C 45 -14.07 23.77 5.21
N GLU C 46 -13.43 24.52 4.33
CA GLU C 46 -12.11 25.10 4.60
C GLU C 46 -12.11 25.73 5.97
N ALA C 47 -12.91 26.79 6.12
CA ALA C 47 -13.03 27.53 7.37
C ALA C 47 -13.03 26.61 8.58
N LEU C 48 -13.92 25.61 8.57
CA LEU C 48 -14.09 24.74 9.74
C LEU C 48 -12.85 23.91 10.02
N LYS C 49 -12.23 23.41 8.97
CA LYS C 49 -10.99 22.69 9.14
C LYS C 49 -10.07 23.63 9.87
N GLU C 50 -9.89 24.81 9.27
CA GLU C 50 -8.97 25.81 9.79
C GLU C 50 -9.28 26.26 11.23
N ALA C 51 -10.55 26.38 11.56
CA ALA C 51 -10.94 26.85 12.88
C ALA C 51 -10.98 25.74 13.89
N VAL C 52 -11.48 24.57 13.49
CA VAL C 52 -11.71 23.43 14.41
C VAL C 52 -10.59 22.38 14.37
N ILE C 53 -10.31 21.89 13.15
CA ILE C 53 -9.46 20.72 12.92
C ILE C 53 -8.04 21.03 13.33
N LEU C 54 -7.51 22.08 12.71
CA LEU C 54 -6.15 22.55 12.94
C LEU C 54 -5.74 22.57 14.43
N PRO C 55 -6.43 23.33 15.31
CA PRO C 55 -5.93 23.32 16.68
C PRO C 55 -6.10 21.95 17.36
N VAL C 56 -6.78 21.02 16.69
CA VAL C 56 -6.91 19.69 17.25
C VAL C 56 -5.71 18.90 16.79
N LYS C 57 -5.51 18.79 15.48
CA LYS C 57 -4.28 18.27 14.92
C LYS C 57 -3.07 18.89 15.70
N PHE C 58 -2.69 20.13 15.42
CA PHE C 58 -1.54 20.72 16.09
C PHE C 58 -1.91 21.59 17.29
N PRO C 59 -2.07 20.96 18.48
CA PRO C 59 -2.20 21.72 19.73
C PRO C 59 -0.89 22.41 20.00
N HIS C 60 -0.48 22.57 21.26
CA HIS C 60 0.77 23.27 21.62
C HIS C 60 0.96 24.61 20.85
N LEU C 61 0.40 24.66 19.63
CA LEU C 61 0.23 25.85 18.81
C LEU C 61 -0.90 26.74 19.35
N PHE C 62 -1.70 26.23 20.28
CA PHE C 62 -2.78 27.02 20.86
C PHE C 62 -2.67 27.06 22.38
N LYS C 63 -1.52 27.53 22.85
CA LYS C 63 -1.27 27.73 24.26
C LYS C 63 -1.92 29.03 24.76
N GLY C 64 -1.40 29.55 25.86
CA GLY C 64 -2.00 30.64 26.65
C GLY C 64 -2.68 31.75 25.86
N ASN C 65 -1.96 32.29 24.89
CA ASN C 65 -2.47 33.47 24.19
C ASN C 65 -3.25 33.21 22.92
N ARG C 66 -2.93 32.12 22.23
CA ARG C 66 -3.63 31.80 21.02
C ARG C 66 -4.65 30.69 21.25
N LYS C 67 -5.48 30.81 22.28
CA LYS C 67 -6.60 29.87 22.45
C LYS C 67 -7.28 29.52 21.13
N PRO C 68 -7.86 28.31 21.03
CA PRO C 68 -8.61 28.07 19.80
C PRO C 68 -9.99 28.70 19.90
N THR C 69 -10.67 28.80 18.76
CA THR C 69 -12.07 29.19 18.73
C THR C 69 -12.87 28.24 19.61
N SER C 70 -14.04 28.68 20.06
CA SER C 70 -15.01 27.78 20.71
C SER C 70 -16.43 28.28 20.56
N GLY C 71 -16.57 29.47 19.98
CA GLY C 71 -17.84 29.93 19.47
C GLY C 71 -17.81 29.92 17.95
N ILE C 72 -18.52 28.97 17.33
CA ILE C 72 -18.68 28.93 15.86
C ILE C 72 -20.14 28.85 15.44
N LEU C 73 -20.58 29.86 14.68
CA LEU C 73 -21.97 29.96 14.26
C LEU C 73 -22.12 29.81 12.75
N LEU C 74 -23.01 28.91 12.35
CA LEU C 74 -23.26 28.65 10.95
C LEU C 74 -24.64 29.14 10.54
N TYR C 75 -24.67 30.22 9.77
CA TYR C 75 -25.91 30.89 9.40
C TYR C 75 -26.07 30.76 7.90
N GLY C 76 -27.30 30.84 7.45
CA GLY C 76 -27.57 30.72 6.05
C GLY C 76 -29.01 30.31 5.91
N PRO C 77 -29.52 30.29 4.67
CA PRO C 77 -30.86 29.79 4.36
C PRO C 77 -31.05 28.30 4.76
N PRO C 78 -32.30 27.91 5.11
CA PRO C 78 -32.51 26.55 5.67
C PRO C 78 -32.17 25.38 4.72
N GLY C 79 -32.02 24.19 5.30
CA GLY C 79 -31.83 22.95 4.55
C GLY C 79 -30.51 22.84 3.82
N THR C 80 -29.50 23.62 4.22
CA THR C 80 -28.16 23.58 3.57
C THR C 80 -27.23 22.50 4.12
N GLY C 81 -27.79 21.42 4.67
CA GLY C 81 -27.00 20.36 5.32
C GLY C 81 -26.34 20.91 6.57
N LYS C 82 -26.80 22.09 6.97
CA LYS C 82 -26.33 22.81 8.13
C LYS C 82 -26.48 21.97 9.41
N SER C 83 -27.46 21.06 9.39
CA SER C 83 -27.71 20.15 10.51
C SER C 83 -26.53 19.17 10.68
N TYR C 84 -26.02 18.63 9.56
CA TYR C 84 -25.05 17.52 9.56
C TYR C 84 -23.63 17.82 9.03
N LEU C 85 -23.41 19.01 8.46
CA LEU C 85 -22.04 19.48 8.21
C LEU C 85 -21.36 19.80 9.53
N ALA C 86 -22.18 20.06 10.54
CA ALA C 86 -21.74 20.26 11.92
C ALA C 86 -21.31 18.94 12.56
N LYS C 87 -21.87 17.84 12.06
CA LYS C 87 -21.40 16.52 12.46
C LYS C 87 -20.13 16.16 11.66
N ALA C 88 -20.08 16.58 10.39
CA ALA C 88 -18.91 16.36 9.51
C ALA C 88 -17.64 17.05 10.05
N VAL C 89 -17.64 17.30 11.35
CA VAL C 89 -16.55 17.97 12.04
C VAL C 89 -16.22 17.16 13.31
N ALA C 90 -17.19 17.02 14.21
CA ALA C 90 -17.01 16.18 15.41
C ALA C 90 -16.55 14.74 15.05
N THR C 91 -16.82 14.35 13.82
CA THR C 91 -16.23 13.17 13.20
C THR C 91 -14.75 13.44 12.95
N GLU C 92 -14.49 14.37 12.04
CA GLU C 92 -13.16 14.75 11.58
C GLU C 92 -12.24 15.17 12.71
N ALA C 93 -12.77 15.19 13.93
CA ALA C 93 -12.00 15.48 15.12
C ALA C 93 -12.13 14.39 16.19
N ASN C 94 -12.48 13.17 15.74
CA ASN C 94 -12.73 12.02 16.64
C ASN C 94 -13.38 12.44 17.95
N SER C 95 -14.48 13.17 17.84
CA SER C 95 -15.11 13.75 19.01
C SER C 95 -16.54 13.31 19.23
N THR C 96 -16.93 13.33 20.50
CA THR C 96 -18.31 13.24 20.92
C THR C 96 -19.12 14.39 20.28
N PHE C 97 -20.36 14.10 19.91
CA PHE C 97 -21.25 15.10 19.35
C PHE C 97 -22.55 15.17 20.15
N PHE C 98 -22.67 16.16 21.03
CA PHE C 98 -23.93 16.40 21.71
C PHE C 98 -24.85 17.22 20.76
N SER C 99 -26.11 16.78 20.66
CA SER C 99 -27.12 17.35 19.74
C SER C 99 -28.30 17.98 20.52
N VAL C 100 -29.31 18.47 19.77
CA VAL C 100 -30.50 19.18 20.29
C VAL C 100 -31.36 19.64 19.08
N SER C 101 -32.30 20.57 19.33
CA SER C 101 -33.04 21.37 18.32
C SER C 101 -33.79 22.46 19.08
N SER C 102 -33.05 23.51 19.47
CA SER C 102 -33.49 24.47 20.52
C SER C 102 -34.89 25.06 20.36
N SER C 103 -35.42 25.04 19.14
CA SER C 103 -36.81 25.40 18.89
C SER C 103 -37.75 24.38 19.56
N ASP C 104 -37.18 23.54 20.42
CA ASP C 104 -37.95 22.64 21.26
C ASP C 104 -37.66 22.98 22.72
N LEU C 105 -38.27 24.05 23.20
CA LEU C 105 -38.29 24.38 24.62
C LEU C 105 -39.72 24.76 25.07
N VAL C 106 -40.35 25.69 24.35
CA VAL C 106 -41.78 25.99 24.54
C VAL C 106 -42.63 24.81 24.03
N SER C 107 -42.94 23.89 24.96
CA SER C 107 -43.90 22.79 24.75
C SER C 107 -44.46 22.34 26.11
N LYS C 108 -43.63 21.64 26.89
CA LYS C 108 -43.83 21.39 28.34
C LYS C 108 -42.49 21.11 29.07
N TRP C 109 -41.40 21.68 28.54
CA TRP C 109 -40.06 21.54 29.14
C TRP C 109 -39.13 22.76 28.95
N MET C 110 -39.72 23.95 28.95
CA MET C 110 -38.94 25.19 29.16
C MET C 110 -39.07 25.58 30.63
N GLY C 111 -39.80 24.75 31.38
CA GLY C 111 -39.96 24.90 32.84
C GLY C 111 -38.68 24.61 33.62
N GLU C 112 -37.90 23.65 33.11
CA GLU C 112 -36.54 23.40 33.58
C GLU C 112 -35.53 23.50 32.42
N SER C 113 -35.63 24.58 31.66
CA SER C 113 -34.65 24.91 30.61
C SER C 113 -33.61 25.90 31.15
N GLU C 114 -33.01 25.50 32.26
CA GLU C 114 -31.82 26.09 32.83
C GLU C 114 -31.00 24.90 33.32
N LYS C 115 -31.75 23.92 33.83
CA LYS C 115 -31.22 22.63 34.24
C LYS C 115 -30.77 21.86 32.99
N LEU C 116 -31.66 21.82 31.99
CA LEU C 116 -31.38 21.13 30.72
C LEU C 116 -30.08 21.64 30.11
N VAL C 117 -29.92 22.96 30.13
CA VAL C 117 -28.69 23.64 29.69
C VAL C 117 -27.47 23.13 30.46
N LYS C 118 -27.59 23.06 31.78
CA LYS C 118 -26.51 22.62 32.66
C LYS C 118 -26.01 21.18 32.40
N GLN C 119 -26.94 20.22 32.27
CA GLN C 119 -26.56 18.83 31.96
C GLN C 119 -25.96 18.64 30.56
N LEU C 120 -26.01 19.69 29.74
CA LEU C 120 -25.41 19.66 28.42
C LEU C 120 -23.92 20.01 28.44
N PHE C 121 -23.56 20.99 29.26
CA PHE C 121 -22.16 21.40 29.47
C PHE C 121 -21.47 20.55 30.56
N ALA C 122 -22.27 20.00 31.47
CA ALA C 122 -21.82 18.96 32.38
C ALA C 122 -21.29 17.80 31.54
N MET C 123 -22.15 17.28 30.66
CA MET C 123 -21.78 16.22 29.72
C MET C 123 -20.52 16.52 28.91
N ALA C 124 -20.21 17.81 28.79
CA ALA C 124 -19.10 18.30 27.96
C ALA C 124 -17.72 17.98 28.52
N ARG C 125 -17.62 17.86 29.85
CA ARG C 125 -16.37 17.46 30.52
C ARG C 125 -16.19 15.93 30.61
N GLU C 126 -17.28 15.19 30.78
CA GLU C 126 -17.23 13.73 30.77
C GLU C 126 -16.88 13.17 29.41
N ASN C 127 -17.03 13.99 28.38
CA ASN C 127 -16.93 13.47 27.03
C ASN C 127 -16.07 14.29 26.07
N LYS C 128 -15.26 15.20 26.62
CA LYS C 128 -14.28 15.93 25.81
C LYS C 128 -13.26 14.94 25.24
N PRO C 129 -13.04 14.90 23.91
CA PRO C 129 -13.40 15.87 22.86
C PRO C 129 -14.88 15.83 22.50
N SER C 130 -15.56 16.93 22.84
CA SER C 130 -16.99 17.06 22.60
C SER C 130 -17.34 18.35 21.84
N ILE C 131 -18.41 18.22 21.06
CA ILE C 131 -18.91 19.26 20.18
C ILE C 131 -20.44 19.46 20.31
N ILE C 132 -20.83 20.25 21.32
CA ILE C 132 -22.21 20.70 21.51
C ILE C 132 -22.72 21.29 20.19
N PHE C 133 -24.02 21.15 19.92
CA PHE C 133 -24.59 21.68 18.70
C PHE C 133 -26.03 22.16 18.89
N ILE C 134 -26.18 23.48 19.04
CA ILE C 134 -27.48 24.10 19.27
C ILE C 134 -28.18 24.47 17.93
N ASP C 135 -29.16 23.68 17.52
CA ASP C 135 -29.85 23.96 16.26
C ASP C 135 -30.91 25.05 16.45
N GLN C 136 -30.99 25.96 15.47
CA GLN C 136 -31.80 27.19 15.54
C GLN C 136 -31.62 27.94 16.88
N VAL C 137 -30.52 28.66 17.00
CA VAL C 137 -30.27 29.50 18.17
C VAL C 137 -31.10 30.77 18.07
N ASP C 138 -31.51 31.10 16.84
CA ASP C 138 -32.45 32.17 16.56
C ASP C 138 -33.68 32.08 17.45
N ALA C 139 -34.39 30.95 17.38
CA ALA C 139 -35.50 30.66 18.28
C ALA C 139 -34.93 30.41 19.68
N LEU C 140 -34.74 31.51 20.41
CA LEU C 140 -34.35 31.55 21.82
C LEU C 140 -34.65 32.95 22.34
N THR C 141 -34.92 33.87 21.40
CA THR C 141 -35.32 35.27 21.66
C THR C 141 -36.17 35.87 20.50
N GLY C 142 -36.15 35.20 19.35
CA GLY C 142 -36.89 35.63 18.16
C GLY C 142 -37.31 34.48 17.27
N GLU C 148 -40.65 42.06 24.02
CA GLU C 148 -40.00 40.84 23.56
C GLU C 148 -39.13 40.20 24.66
N SER C 149 -39.08 38.86 24.63
CA SER C 149 -38.41 38.00 25.63
C SER C 149 -38.89 38.22 27.08
N GLU C 150 -38.38 37.39 28.00
CA GLU C 150 -38.64 37.43 29.46
C GLU C 150 -38.78 36.03 30.06
N ALA C 151 -39.55 35.17 29.38
CA ALA C 151 -39.62 33.73 29.71
C ALA C 151 -38.28 33.06 29.36
N SER C 152 -37.77 33.40 28.17
CA SER C 152 -36.50 32.92 27.64
C SER C 152 -35.33 33.92 27.80
N ARG C 153 -35.49 34.90 28.68
CA ARG C 153 -34.37 35.76 29.09
C ARG C 153 -33.60 35.00 30.18
N ARG C 154 -34.35 34.20 30.94
CA ARG C 154 -33.82 33.29 31.95
C ARG C 154 -32.90 32.25 31.32
N ILE C 155 -33.49 31.52 30.37
CA ILE C 155 -32.83 30.47 29.58
C ILE C 155 -31.52 31.00 28.98
N LYS C 156 -31.61 32.20 28.39
CA LYS C 156 -30.49 32.92 27.77
C LYS C 156 -29.28 33.18 28.70
N THR C 157 -29.51 33.80 29.85
CA THR C 157 -28.39 34.17 30.73
C THR C 157 -27.66 32.92 31.19
N GLU C 158 -28.39 31.82 31.32
CA GLU C 158 -27.76 30.55 31.70
C GLU C 158 -27.54 29.59 30.53
N LEU C 159 -27.10 30.18 29.42
CA LEU C 159 -26.30 29.49 28.40
C LEU C 159 -24.99 30.27 28.30
N LEU C 160 -25.10 31.57 28.56
CA LEU C 160 -23.94 32.47 28.56
C LEU C 160 -23.11 32.24 29.82
N VAL C 161 -23.81 32.04 30.94
CA VAL C 161 -23.19 31.51 32.17
C VAL C 161 -22.51 30.20 31.77
N GLN C 162 -23.28 29.35 31.08
CA GLN C 162 -22.79 28.06 30.60
C GLN C 162 -21.64 28.12 29.61
N MET C 163 -21.44 29.27 28.96
CA MET C 163 -20.43 29.40 27.91
C MET C 163 -19.05 29.89 28.39
N ASN C 164 -18.93 30.19 29.68
CA ASN C 164 -17.64 30.57 30.26
C ASN C 164 -16.81 29.36 30.60
N GLY C 165 -17.46 28.21 30.58
CA GLY C 165 -16.82 26.91 30.72
C GLY C 165 -16.63 26.20 29.38
N VAL C 166 -17.00 26.88 28.30
CA VAL C 166 -16.57 26.54 26.94
C VAL C 166 -15.08 26.89 26.85
N GLY C 167 -14.75 28.08 27.40
CA GLY C 167 -13.38 28.56 27.58
C GLY C 167 -13.13 29.21 28.94
N ASN C 168 -12.82 28.41 29.98
CA ASN C 168 -12.87 26.93 29.97
C ASN C 168 -12.70 26.23 31.31
N ASP C 169 -13.21 25.00 31.35
CA ASP C 169 -12.81 23.98 32.29
C ASP C 169 -12.06 22.94 31.45
N SER C 170 -10.90 23.36 30.91
CA SER C 170 -10.18 22.66 29.81
C SER C 170 -10.83 22.84 28.43
N GLN C 171 -10.10 23.52 27.56
CA GLN C 171 -10.57 23.84 26.22
C GLN C 171 -10.65 22.60 25.30
N GLY C 172 -11.64 21.73 25.53
CA GLY C 172 -11.82 20.54 24.68
C GLY C 172 -13.23 20.42 24.14
N VAL C 173 -13.90 21.57 24.08
CA VAL C 173 -15.35 21.65 24.10
C VAL C 173 -15.88 22.74 23.14
N LEU C 174 -16.21 22.35 21.92
CA LEU C 174 -16.52 23.35 20.89
C LEU C 174 -18.01 23.49 20.57
N VAL C 175 -18.61 24.58 21.05
CA VAL C 175 -20.04 24.88 20.85
C VAL C 175 -20.36 25.37 19.41
N LEU C 176 -21.25 24.63 18.72
CA LEU C 176 -21.77 25.04 17.41
C LEU C 176 -23.21 25.53 17.48
N GLY C 177 -23.57 26.46 16.59
CA GLY C 177 -24.93 26.97 16.50
C GLY C 177 -25.37 27.06 15.07
N ALA C 178 -26.62 26.71 14.81
CA ALA C 178 -27.22 26.87 13.49
C ALA C 178 -28.22 28.03 13.49
N THR C 179 -28.45 28.64 12.32
CA THR C 179 -29.54 29.63 12.08
C THR C 179 -29.92 29.76 10.61
N ASN C 180 -31.17 30.15 10.38
CA ASN C 180 -31.62 30.64 9.07
C ASN C 180 -32.11 32.08 9.20
N ILE C 181 -31.97 32.59 10.42
CA ILE C 181 -32.52 33.85 10.85
C ILE C 181 -31.49 34.55 11.73
N PRO C 182 -30.22 34.65 11.27
CA PRO C 182 -29.21 35.16 12.17
C PRO C 182 -29.56 36.54 12.71
N TRP C 183 -30.24 37.33 11.86
CA TRP C 183 -30.68 38.68 12.22
C TRP C 183 -31.66 38.69 13.38
N GLN C 184 -31.98 37.52 13.93
CA GLN C 184 -32.80 37.43 15.15
C GLN C 184 -32.14 36.66 16.29
N LEU C 185 -30.86 36.32 16.10
CA LEU C 185 -30.06 35.76 17.17
C LEU C 185 -29.78 36.84 18.21
N ASP C 186 -30.19 36.57 19.43
CA ASP C 186 -29.91 37.44 20.56
C ASP C 186 -28.50 38.05 20.51
N SER C 187 -28.38 39.34 20.81
CA SER C 187 -27.10 40.06 20.61
C SER C 187 -25.91 39.64 21.50
N ALA C 188 -26.17 39.07 22.68
CA ALA C 188 -25.07 38.61 23.53
C ALA C 188 -24.59 37.19 23.17
N ILE C 189 -25.56 36.30 22.89
CA ILE C 189 -25.28 34.95 22.37
C ILE C 189 -24.40 35.02 21.11
N ARG C 190 -24.77 35.93 20.20
CA ARG C 190 -23.99 36.20 19.02
C ARG C 190 -22.54 36.58 19.36
N ARG C 191 -22.35 37.57 20.22
CA ARG C 191 -20.99 38.04 20.55
C ARG C 191 -20.15 36.94 21.20
N ARG C 192 -20.83 35.95 21.80
CA ARG C 192 -20.17 34.78 22.36
C ARG C 192 -19.60 33.82 21.29
N PHE C 193 -20.24 33.74 20.13
CA PHE C 193 -19.65 32.99 19.03
C PHE C 193 -18.60 33.83 18.35
N GLU C 194 -17.35 33.68 18.77
CA GLU C 194 -16.29 34.55 18.26
C GLU C 194 -16.32 34.62 16.75
N ARG C 195 -16.60 33.49 16.11
CA ARG C 195 -16.62 33.50 14.66
C ARG C 195 -17.79 32.82 14.05
N ARG C 196 -18.16 33.34 12.89
CA ARG C 196 -19.44 33.12 12.27
C ARG C 196 -19.12 32.74 10.86
N ILE C 197 -19.80 31.74 10.33
CA ILE C 197 -19.53 31.20 9.03
C ILE C 197 -20.83 31.14 8.23
N TYR C 198 -20.78 31.68 7.03
CA TYR C 198 -21.88 31.54 6.10
C TYR C 198 -21.95 30.10 5.59
N ILE C 199 -23.17 29.58 5.43
CA ILE C 199 -23.39 28.27 4.76
C ILE C 199 -24.40 28.53 3.63
N PRO C 200 -23.93 28.56 2.36
CA PRO C 200 -24.73 29.30 1.37
C PRO C 200 -25.62 28.56 0.34
N LEU C 201 -25.99 29.34 -0.68
CA LEU C 201 -26.76 28.93 -1.87
C LEU C 201 -25.84 28.28 -2.91
N PRO C 202 -26.04 26.98 -3.21
CA PRO C 202 -25.23 26.32 -4.27
C PRO C 202 -25.07 27.17 -5.56
N ASP C 203 -23.81 27.40 -5.92
CA ASP C 203 -23.43 28.16 -7.13
C ASP C 203 -23.33 27.17 -8.28
N LEU C 204 -23.08 27.68 -9.50
CA LEU C 204 -23.13 26.85 -10.72
C LEU C 204 -22.61 25.41 -10.58
N ALA C 205 -21.29 25.24 -10.54
CA ALA C 205 -20.69 23.89 -10.47
C ALA C 205 -21.16 23.03 -9.28
N ALA C 206 -21.81 23.65 -8.30
CA ALA C 206 -22.41 22.90 -7.20
C ALA C 206 -23.79 22.36 -7.59
N ARG C 207 -24.65 23.24 -8.12
CA ARG C 207 -25.97 22.85 -8.62
C ARG C 207 -25.88 21.86 -9.76
N THR C 208 -24.93 22.09 -10.66
CA THR C 208 -24.62 21.13 -11.71
C THR C 208 -24.24 19.74 -11.14
N THR C 209 -23.37 19.71 -10.14
CA THR C 209 -22.96 18.46 -9.47
C THR C 209 -24.17 17.73 -8.89
N MET C 210 -25.19 18.49 -8.55
CA MET C 210 -26.40 17.94 -7.92
C MET C 210 -27.45 17.41 -8.91
N PHE C 211 -27.52 17.99 -10.10
CA PHE C 211 -28.29 17.38 -11.18
C PHE C 211 -27.62 16.07 -11.57
N GLU C 212 -26.29 16.02 -11.56
CA GLU C 212 -25.61 14.74 -11.72
C GLU C 212 -26.05 13.72 -10.66
N ILE C 213 -25.64 13.92 -9.41
CA ILE C 213 -26.06 13.05 -8.30
C ILE C 213 -27.49 12.51 -8.44
N ASN C 214 -28.46 13.42 -8.46
CA ASN C 214 -29.87 13.05 -8.45
C ASN C 214 -30.32 12.09 -9.55
N VAL C 215 -29.58 12.04 -10.66
CA VAL C 215 -29.95 11.14 -11.73
C VAL C 215 -29.11 9.84 -11.69
N GLY C 216 -27.82 9.95 -11.92
CA GLY C 216 -26.94 8.78 -11.99
C GLY C 216 -27.44 7.77 -12.99
N ASP C 217 -27.59 6.53 -12.53
CA ASP C 217 -28.08 5.40 -13.33
C ASP C 217 -29.07 5.79 -14.42
N THR C 218 -30.12 6.51 -14.01
CA THR C 218 -31.29 6.83 -14.85
C THR C 218 -30.96 7.04 -16.34
N PRO C 219 -31.26 6.02 -17.17
CA PRO C 219 -30.97 6.17 -18.59
C PRO C 219 -31.59 7.45 -19.14
N CYS C 220 -30.78 8.17 -19.92
CA CYS C 220 -31.24 9.38 -20.59
C CYS C 220 -30.19 10.01 -21.53
N VAL C 221 -30.70 10.83 -22.44
CA VAL C 221 -29.87 11.64 -23.30
C VAL C 221 -29.51 12.95 -22.56
N LEU C 222 -28.48 12.87 -21.70
CA LEU C 222 -27.91 14.08 -21.09
C LEU C 222 -26.42 14.27 -21.35
N THR C 223 -26.07 15.51 -21.65
CA THR C 223 -24.71 15.91 -21.99
C THR C 223 -24.24 16.87 -20.91
N LYS C 224 -23.03 16.62 -20.37
CA LYS C 224 -22.41 17.54 -19.41
C LYS C 224 -22.79 19.01 -19.65
N GLU C 225 -22.90 19.41 -20.91
CA GLU C 225 -23.31 20.77 -21.28
C GLU C 225 -24.75 21.12 -20.93
N ASP C 226 -25.63 20.13 -21.05
CA ASP C 226 -27.03 20.28 -20.67
C ASP C 226 -27.19 20.35 -19.14
N TYR C 227 -26.31 19.65 -18.41
CA TYR C 227 -26.22 19.76 -16.97
C TYR C 227 -25.84 21.18 -16.62
N ARG C 228 -24.75 21.66 -17.24
CA ARG C 228 -24.36 23.06 -17.11
C ARG C 228 -25.58 23.95 -17.34
N THR C 229 -26.23 23.75 -18.48
CA THR C 229 -27.44 24.47 -18.82
C THR C 229 -28.39 24.52 -17.61
N LEU C 230 -28.60 23.37 -16.96
CA LEU C 230 -29.55 23.25 -15.86
C LEU C 230 -29.06 23.90 -14.56
N GLY C 231 -27.81 23.60 -14.20
CA GLY C 231 -27.12 24.29 -13.11
C GLY C 231 -27.26 25.79 -13.29
N ALA C 232 -27.28 26.23 -14.55
CA ALA C 232 -27.49 27.64 -14.90
C ALA C 232 -28.85 28.17 -14.50
N MET C 233 -29.90 27.38 -14.69
CA MET C 233 -31.27 27.86 -14.48
C MET C 233 -31.52 28.10 -13.01
N THR C 234 -30.88 27.27 -12.21
CA THR C 234 -31.28 27.06 -10.83
C THR C 234 -30.91 28.18 -9.86
N GLU C 235 -31.14 29.41 -10.29
CA GLU C 235 -30.95 30.60 -9.46
C GLU C 235 -31.21 30.28 -7.99
N GLY C 236 -30.12 30.11 -7.25
CA GLY C 236 -30.18 29.75 -5.84
C GLY C 236 -31.32 28.81 -5.48
N TYR C 237 -31.19 27.55 -5.88
CA TYR C 237 -32.05 26.50 -5.37
C TYR C 237 -31.27 25.76 -4.29
N SER C 238 -31.96 25.09 -3.38
CA SER C 238 -31.29 24.29 -2.33
C SER C 238 -30.96 22.87 -2.81
N GLY C 239 -30.37 22.08 -1.92
CA GLY C 239 -30.18 20.66 -2.17
C GLY C 239 -31.52 20.03 -2.52
N SER C 240 -32.55 20.37 -1.75
CA SER C 240 -33.90 19.82 -1.93
C SER C 240 -34.58 20.32 -3.19
N ASP C 241 -34.60 21.63 -3.38
CA ASP C 241 -35.26 22.19 -4.54
C ASP C 241 -34.87 21.46 -5.81
N ILE C 242 -33.57 21.45 -6.12
CA ILE C 242 -33.00 20.63 -7.20
C ILE C 242 -33.51 19.17 -7.15
N ALA C 243 -33.54 18.60 -5.95
CA ALA C 243 -34.01 17.22 -5.74
C ALA C 243 -35.49 17.00 -6.07
N VAL C 244 -36.34 17.98 -5.73
CA VAL C 244 -37.76 17.94 -6.08
C VAL C 244 -37.96 18.03 -7.60
N VAL C 245 -37.23 18.93 -8.24
CA VAL C 245 -37.20 19.10 -9.68
C VAL C 245 -36.80 17.83 -10.43
N VAL C 246 -35.64 17.27 -10.08
CA VAL C 246 -35.11 16.05 -10.70
C VAL C 246 -36.05 14.85 -10.55
N LYS C 247 -36.41 14.55 -9.30
CA LYS C 247 -37.43 13.56 -8.98
C LYS C 247 -38.60 13.65 -9.97
N ASP C 248 -39.16 14.84 -10.07
CA ASP C 248 -40.31 15.09 -10.91
C ASP C 248 -40.03 15.07 -12.41
N ALA C 249 -38.83 15.43 -12.83
CA ALA C 249 -38.55 15.31 -14.26
C ALA C 249 -38.28 13.86 -14.70
N LEU C 250 -37.70 13.05 -13.81
CA LEU C 250 -37.54 11.61 -14.07
C LEU C 250 -38.91 10.95 -14.31
N MET C 251 -39.97 11.70 -13.99
CA MET C 251 -41.32 11.17 -14.05
C MET C 251 -42.01 11.59 -15.34
N GLN C 252 -41.29 12.33 -16.18
CA GLN C 252 -41.87 12.82 -17.43
C GLN C 252 -42.09 11.75 -18.51
N PRO C 253 -41.12 10.82 -18.69
CA PRO C 253 -41.37 9.76 -19.66
C PRO C 253 -42.60 8.92 -19.29
N ILE C 254 -42.86 8.73 -17.99
CA ILE C 254 -44.02 7.96 -17.55
C ILE C 254 -45.33 8.74 -17.64
N ARG C 255 -45.29 10.02 -17.31
CA ARG C 255 -46.50 10.85 -17.37
C ARG C 255 -46.95 10.95 -18.82
N LYS C 256 -45.98 10.92 -19.73
CA LYS C 256 -46.26 10.88 -21.17
C LYS C 256 -46.99 9.58 -21.55
N ILE C 257 -46.37 8.43 -21.25
CA ILE C 257 -46.94 7.09 -21.46
C ILE C 257 -48.43 7.06 -21.05
N GLN C 258 -48.68 7.21 -19.75
CA GLN C 258 -50.01 7.09 -19.17
C GLN C 258 -51.08 7.88 -19.91
N SER C 259 -50.83 9.15 -20.18
CA SER C 259 -51.90 9.98 -20.72
C SER C 259 -51.95 10.01 -22.25
N ALA C 260 -51.09 9.22 -22.90
CA ALA C 260 -51.15 9.07 -24.36
C ALA C 260 -52.30 8.14 -24.84
N THR C 261 -52.98 8.56 -25.92
CA THR C 261 -54.05 7.77 -26.57
C THR C 261 -53.58 7.11 -27.86
N HIS C 262 -52.44 7.58 -28.37
CA HIS C 262 -51.86 7.09 -29.62
C HIS C 262 -50.41 6.79 -29.38
N PHE C 263 -49.97 5.63 -29.85
CA PHE C 263 -48.58 5.19 -29.74
C PHE C 263 -48.15 4.85 -31.14
N LYS C 264 -46.86 4.66 -31.35
CA LYS C 264 -46.39 4.22 -32.66
C LYS C 264 -45.18 3.31 -32.56
N ASP C 265 -44.90 2.60 -33.65
CA ASP C 265 -43.73 1.77 -33.70
C ASP C 265 -42.59 2.56 -34.30
N VAL C 266 -41.43 2.46 -33.68
CA VAL C 266 -40.19 2.97 -34.25
C VAL C 266 -39.07 2.05 -33.78
N SER C 267 -38.54 1.24 -34.69
CA SER C 267 -37.40 0.35 -34.39
C SER C 267 -36.55 0.01 -35.62
N THR C 268 -35.23 -0.01 -35.43
CA THR C 268 -34.27 -0.23 -36.52
C THR C 268 -34.35 -1.61 -37.19
N GLU C 269 -33.82 -1.71 -38.42
CA GLU C 269 -33.79 -2.95 -39.19
C GLU C 269 -33.04 -4.06 -38.45
N ASP C 270 -31.90 -3.72 -37.86
CA ASP C 270 -31.24 -4.68 -37.00
C ASP C 270 -31.64 -4.43 -35.54
N ASP C 271 -32.97 -4.43 -35.34
CA ASP C 271 -33.60 -4.43 -34.02
C ASP C 271 -34.52 -5.64 -33.90
N GLU C 272 -34.07 -6.64 -33.14
CA GLU C 272 -34.80 -7.90 -32.95
C GLU C 272 -36.17 -7.74 -32.28
N THR C 273 -36.42 -6.55 -31.70
CA THR C 273 -37.65 -6.28 -30.93
C THR C 273 -38.43 -5.05 -31.43
N ARG C 274 -39.76 -5.20 -31.45
CA ARG C 274 -40.63 -4.10 -31.82
C ARG C 274 -40.72 -3.16 -30.62
N LYS C 275 -40.69 -1.87 -30.88
CA LYS C 275 -40.70 -0.92 -29.78
C LYS C 275 -41.82 0.10 -29.99
N LEU C 276 -42.69 0.24 -28.99
CA LEU C 276 -43.78 1.22 -29.04
C LEU C 276 -43.65 2.33 -28.00
N THR C 277 -43.83 3.56 -28.46
CA THR C 277 -43.65 4.75 -27.66
C THR C 277 -44.82 5.64 -28.00
N PRO C 278 -45.24 6.51 -27.05
CA PRO C 278 -46.39 7.42 -27.20
C PRO C 278 -46.25 8.36 -28.38
N CYS C 279 -47.26 9.20 -28.60
CA CYS C 279 -47.13 10.22 -29.63
C CYS C 279 -48.39 11.00 -29.95
N SER C 280 -48.13 12.18 -30.50
CA SER C 280 -49.10 12.99 -31.21
C SER C 280 -49.98 12.13 -32.15
N PRO C 281 -51.31 12.34 -32.08
CA PRO C 281 -52.29 11.84 -33.07
C PRO C 281 -51.94 12.11 -34.55
N GLY C 282 -51.60 13.35 -34.88
CA GLY C 282 -51.25 13.75 -36.24
C GLY C 282 -50.10 12.98 -36.87
N ASP C 283 -48.92 13.06 -36.28
CA ASP C 283 -47.68 12.50 -36.89
C ASP C 283 -47.80 11.01 -37.23
N ASP C 284 -47.47 10.68 -38.47
CA ASP C 284 -47.77 9.36 -39.04
C ASP C 284 -47.17 8.22 -38.25
N GLY C 285 -47.84 7.07 -38.34
CA GLY C 285 -47.49 5.87 -37.59
C GLY C 285 -48.39 5.72 -36.38
N ALA C 286 -49.01 6.83 -36.00
CA ALA C 286 -49.85 6.90 -34.80
C ALA C 286 -51.09 6.01 -34.85
N ILE C 287 -50.91 4.74 -34.45
CA ILE C 287 -52.04 3.82 -34.24
C ILE C 287 -52.63 3.97 -32.83
N GLU C 288 -53.95 4.12 -32.78
CA GLU C 288 -54.68 4.37 -31.54
C GLU C 288 -54.48 3.25 -30.52
N MET C 289 -54.45 3.61 -29.23
CA MET C 289 -54.30 2.67 -28.11
C MET C 289 -53.66 3.34 -26.88
N SER C 290 -54.00 2.84 -25.69
CA SER C 290 -53.30 3.26 -24.48
C SER C 290 -52.42 2.12 -24.02
N TRP C 291 -51.54 2.38 -23.04
CA TRP C 291 -50.46 1.47 -22.63
C TRP C 291 -50.90 0.09 -22.14
N THR C 292 -52.16 -0.06 -21.78
CA THR C 292 -52.68 -1.35 -21.29
C THR C 292 -52.53 -2.40 -22.37
N ASP C 293 -52.68 -1.96 -23.62
CA ASP C 293 -52.53 -2.76 -24.83
C ASP C 293 -51.13 -3.30 -25.09
N ILE C 294 -50.11 -2.50 -24.79
CA ILE C 294 -48.75 -2.87 -25.14
C ILE C 294 -48.27 -4.11 -24.41
N GLU C 295 -47.52 -4.93 -25.15
CA GLU C 295 -46.78 -6.03 -24.61
C GLU C 295 -45.69 -5.46 -23.71
N ALA C 296 -45.15 -6.30 -22.83
CA ALA C 296 -44.13 -5.89 -21.85
C ALA C 296 -42.83 -5.40 -22.53
N ASP C 297 -42.32 -6.23 -23.42
CA ASP C 297 -41.08 -5.97 -24.12
C ASP C 297 -41.31 -5.29 -25.47
N GLU C 298 -42.52 -4.79 -25.69
CA GLU C 298 -42.76 -3.97 -26.87
C GLU C 298 -42.81 -2.48 -26.56
N LEU C 299 -42.59 -2.14 -25.28
CA LEU C 299 -42.67 -0.76 -24.81
C LEU C 299 -41.32 -0.07 -24.68
N LYS C 300 -41.16 1.08 -25.35
CA LYS C 300 -40.00 1.96 -25.14
C LYS C 300 -40.45 3.36 -24.72
N GLU C 301 -39.96 3.81 -23.57
CA GLU C 301 -40.40 5.11 -23.04
C GLU C 301 -39.63 6.24 -23.70
N PRO C 302 -40.30 7.39 -23.91
CA PRO C 302 -39.57 8.51 -24.51
C PRO C 302 -38.39 8.81 -23.60
N ASP C 303 -37.17 8.68 -24.15
CA ASP C 303 -35.93 8.91 -23.42
C ASP C 303 -35.91 10.26 -22.71
N LEU C 304 -35.17 10.33 -21.60
CA LEU C 304 -35.06 11.55 -20.81
C LEU C 304 -34.14 12.61 -21.40
N THR C 305 -34.65 13.84 -21.49
CA THR C 305 -33.90 14.96 -22.07
C THR C 305 -33.98 16.23 -21.23
N ILE C 306 -32.88 16.98 -21.27
CA ILE C 306 -32.85 18.42 -20.95
C ILE C 306 -34.24 19.05 -21.02
N LYS C 307 -35.04 18.64 -22.01
CA LYS C 307 -36.33 19.23 -22.24
C LYS C 307 -37.24 19.11 -21.02
N ASP C 308 -37.28 17.90 -20.46
CA ASP C 308 -38.18 17.56 -19.35
C ASP C 308 -37.89 18.35 -18.08
N PHE C 309 -36.66 18.24 -17.59
CA PHE C 309 -36.17 19.05 -16.47
C PHE C 309 -36.49 20.54 -16.64
N LEU C 310 -36.23 21.09 -17.83
CA LEU C 310 -36.52 22.50 -18.17
C LEU C 310 -37.94 22.88 -17.76
N LYS C 311 -38.90 22.08 -18.23
CA LYS C 311 -40.31 22.32 -17.93
C LYS C 311 -40.58 22.12 -16.44
N ALA C 312 -39.87 21.14 -15.87
CA ALA C 312 -39.94 20.84 -14.45
C ALA C 312 -39.40 22.01 -13.66
N ILE C 313 -38.29 22.57 -14.14
CA ILE C 313 -37.68 23.76 -13.55
C ILE C 313 -38.75 24.85 -13.45
N LYS C 314 -39.35 25.20 -14.59
CA LYS C 314 -40.42 26.21 -14.67
C LYS C 314 -41.44 25.98 -13.58
N SER C 315 -42.17 24.86 -13.69
CA SER C 315 -43.26 24.50 -12.79
C SER C 315 -42.99 24.69 -11.29
N THR C 316 -41.80 24.32 -10.82
CA THR C 316 -41.46 24.51 -9.41
C THR C 316 -40.50 25.70 -9.26
N ARG C 317 -40.54 26.35 -8.09
CA ARG C 317 -39.72 27.56 -7.82
C ARG C 317 -39.08 27.56 -6.40
N PRO C 318 -37.83 28.07 -6.28
CA PRO C 318 -36.92 27.79 -5.14
C PRO C 318 -37.31 28.30 -3.76
N THR C 319 -37.22 27.42 -2.75
CA THR C 319 -37.58 27.68 -1.34
C THR C 319 -37.45 29.13 -0.92
N VAL C 320 -36.22 29.63 -1.01
CA VAL C 320 -35.80 30.86 -0.36
C VAL C 320 -35.79 32.02 -1.35
N ASN C 321 -36.36 33.15 -0.91
CA ASN C 321 -36.58 34.33 -1.78
C ASN C 321 -35.45 35.38 -1.76
N GLU C 322 -35.44 36.23 -2.77
CA GLU C 322 -34.40 37.24 -2.86
C GLU C 322 -34.43 38.21 -1.68
N ASP C 323 -35.50 38.19 -0.88
CA ASP C 323 -35.55 38.96 0.37
C ASP C 323 -34.62 38.31 1.39
N ASP C 324 -34.78 37.01 1.57
CA ASP C 324 -33.93 36.25 2.48
C ASP C 324 -32.47 36.49 2.13
N LEU C 325 -32.12 36.22 0.87
CA LEU C 325 -30.74 36.31 0.40
C LEU C 325 -30.04 37.60 0.84
N LEU C 326 -30.78 38.71 0.87
CA LEU C 326 -30.22 40.00 1.31
C LEU C 326 -30.01 40.09 2.82
N LYS C 327 -31.06 39.84 3.60
CA LYS C 327 -30.97 39.86 5.07
C LYS C 327 -29.77 39.06 5.58
N GLN C 328 -29.44 37.96 4.92
CA GLN C 328 -28.24 37.17 5.20
C GLN C 328 -27.00 37.98 4.85
N GLU C 329 -26.91 38.41 3.59
CA GLU C 329 -25.81 39.25 3.10
C GLU C 329 -25.52 40.41 4.03
N GLN C 330 -26.59 41.07 4.49
CA GLN C 330 -26.44 42.13 5.48
C GLN C 330 -25.75 41.59 6.74
N PHE C 331 -26.44 40.73 7.49
CA PHE C 331 -25.82 40.09 8.65
C PHE C 331 -24.38 39.65 8.38
N THR C 332 -24.11 39.06 7.22
CA THR C 332 -22.74 38.68 6.87
C THR C 332 -21.78 39.87 6.98
N ARG C 333 -22.12 41.01 6.36
CA ARG C 333 -21.19 42.17 6.36
C ARG C 333 -21.07 42.84 7.72
N ASP C 334 -22.18 42.94 8.43
CA ASP C 334 -22.19 43.54 9.76
C ASP C 334 -21.56 42.70 10.87
N PHE C 335 -21.70 41.38 10.80
CA PHE C 335 -21.15 40.53 11.84
C PHE C 335 -20.34 39.40 11.24
N GLY C 336 -20.03 39.57 9.95
CA GLY C 336 -19.27 38.63 9.13
C GLY C 336 -18.04 38.08 9.79
N GLN C 337 -17.06 38.96 10.05
CA GLN C 337 -16.01 38.54 10.99
C GLN C 337 -15.72 39.46 12.17
N GLU C 338 -15.24 38.84 13.26
CA GLU C 338 -14.93 39.49 14.54
C GLU C 338 -16.15 39.63 15.46
N GLY C 339 -15.90 40.01 16.71
CA GLY C 339 -16.90 40.63 17.60
C GLY C 339 -18.10 39.86 18.18
N ASN C 340 -19.30 40.37 17.94
CA ASN C 340 -19.48 41.57 17.13
C ASN C 340 -20.47 42.56 17.74
PG AGS D . 31.43 -3.65 0.41
S1G AGS D . 30.13 -4.91 1.41
O2G AGS D . 30.84 -2.25 0.32
O3G AGS D . 32.80 -3.88 1.06
PB AGS D . 29.92 -4.24 -1.77
O1B AGS D . 29.52 -5.64 -2.15
O2B AGS D . 28.93 -3.36 -1.04
O3B AGS D . 31.36 -4.23 -1.06
PA AGS D . 31.34 -2.18 -3.19
O1A AGS D . 31.02 -1.57 -4.54
O2A AGS D . 31.20 -1.41 -1.89
O3A AGS D . 30.36 -3.46 -3.12
O5' AGS D . 32.84 -2.74 -3.20
C5' AGS D . 33.91 -1.94 -2.72
C4' AGS D . 34.80 -1.53 -3.90
O4' AGS D . 35.37 -2.67 -4.56
C3' AGS D . 34.09 -0.78 -5.04
O3' AGS D . 33.79 0.62 -4.80
C2' AGS D . 35.05 -0.97 -6.19
O2' AGS D . 36.18 -0.12 -6.02
C1' AGS D . 35.46 -2.41 -5.97
N9 AGS D . 34.60 -3.34 -6.75
C8 AGS D . 33.90 -4.35 -6.23
N7 AGS D . 33.22 -5.05 -7.17
C5 AGS D . 33.49 -4.47 -8.34
C6 AGS D . 33.08 -4.73 -9.74
N6 AGS D . 32.24 -5.75 -10.01
N1 AGS D . 33.57 -3.90 -10.70
C2 AGS D . 34.39 -2.87 -10.38
N3 AGS D . 34.80 -2.59 -9.13
C4 AGS D . 34.39 -3.34 -8.08
MG MG E . 28.56 -1.58 0.27
PG AGS F . -0.97 -21.57 3.50
S1G AGS F . -0.56 -23.39 4.44
O2G AGS F . -1.21 -20.53 4.57
O3G AGS F . -0.02 -21.24 2.38
PB AGS F . -3.61 -22.22 3.70
O1B AGS F . -4.41 -23.32 3.06
O2B AGS F . -3.21 -22.40 5.14
O3B AGS F . -2.34 -21.95 2.78
PA AGS F . -3.81 -19.48 2.60
O1A AGS F . -5.08 -18.70 2.28
O2A AGS F . -2.71 -18.70 3.27
O3A AGS F . -4.29 -20.75 3.51
O5' AGS F . -3.22 -20.06 1.21
C5' AGS F . -2.17 -19.38 0.50
C4' AGS F . -2.72 -18.51 -0.62
O4' AGS F . -3.36 -19.31 -1.61
C3' AGS F . -3.82 -17.51 -0.22
O3' AGS F . -3.37 -16.31 0.41
C2' AGS F . -4.54 -17.24 -1.52
O2' AGS F . -3.94 -16.21 -2.29
C1' AGS F . -4.38 -18.55 -2.27
N9 AGS F . -5.70 -19.19 -2.16
C8 AGS F . -5.97 -20.45 -1.74
N7 AGS F . -7.31 -20.68 -1.76
C5 AGS F . -7.92 -19.55 -2.20
C6 AGS F . -9.31 -19.10 -2.45
N6 AGS F . -10.35 -19.94 -2.23
N1 AGS F . -9.52 -17.83 -2.89
C2 AGS F . -8.49 -16.98 -3.12
N3 AGS F . -7.19 -17.32 -2.91
C4 AGS F . -6.86 -18.57 -2.45
MG MG G . -1.73 -20.36 6.36
C1 EDO H . -29.67 22.07 7.35
O1 EDO H . -30.76 21.15 7.17
C2 EDO H . -30.09 23.54 7.46
O2 EDO H . -31.29 23.66 8.23
MG MG I . -30.64 22.23 10.58
#